data_5A6E
#
_entry.id   5A6E
#
_cell.length_a   1.000
_cell.length_b   1.000
_cell.length_c   1.000
_cell.angle_alpha   90.00
_cell.angle_beta   90.00
_cell.angle_gamma   90.00
#
_symmetry.space_group_name_H-M   'P 1'
#
loop_
_entity.id
_entity.type
_entity.pdbx_description
1 polymer 'S1-S4 DOMAIN OF POTASSIUM CHANNEL SUBFAMILY T MEMBER 1'
2 polymer 'PORE DOMAIN OF POTASSIUM CHANNEL SUBFAMILY T MEMBER 1'
3 polymer 'GATING RING OF POTASSIUM CHANNEL SUBFAMILY T MEMBER 1'
4 polymer 'RCK2 ELABORATION OF POTASSIUM CHANNEL SUBFAMILY T MEMBER 1'
#
loop_
_entity_poly.entity_id
_entity_poly.type
_entity_poly.pdbx_seq_one_letter_code
_entity_poly.pdbx_strand_id
1 'polypeptide(L)'
;(UNK)(UNK)(UNK)(UNK)(UNK)(UNK)(UNK)(UNK)(UNK)(UNK)(UNK)(UNK)(UNK)(UNK)(UNK)(UNK)
(UNK)(UNK)(UNK)(UNK)(UNK)(UNK)(UNK)(UNK)(UNK)(UNK)(UNK)(UNK)(UNK)(UNK)(UNK)(UNK)
(UNK)(UNK)(UNK)(UNK)(UNK)(UNK)(UNK)(UNK)(UNK)(UNK)(UNK)(UNK)(UNK)(UNK)(UNK)(UNK)
(UNK)(UNK)(UNK)(UNK)(UNK)(UNK)(UNK)(UNK)(UNK)(UNK)(UNK)(UNK)(UNK)(UNK)(UNK)(UNK)
(UNK)(UNK)(UNK)(UNK)(UNK)(UNK)(UNK)(UNK)(UNK)(UNK)(UNK)(UNK)(UNK)(UNK)(UNK)(UNK)
(UNK)(UNK)(UNK)(UNK)(UNK)(UNK)(UNK)(UNK)(UNK)(UNK)(UNK)(UNK)(UNK)(UNK)(UNK)(UNK)
(UNK)(UNK)(UNK)(UNK)(UNK)(UNK)(UNK)(UNK)(UNK)(UNK)(UNK)(UNK)(UNK)(UNK)(UNK)(UNK)
(UNK)(UNK)(UNK)(UNK)(UNK)(UNK)(UNK)(UNK)(UNK)(UNK)(UNK)(UNK)(UNK)(UNK)(UNK)(UNK)
(UNK)(UNK)(UNK)(UNK)(UNK)(UNK)(UNK)(UNK)(UNK)(UNK)(UNK)
;
A
2 'polypeptide(L)'
;SAMFNQVLILICTLLCLVFTGTCGIQHLERAGEKLSLFKSFYFCIVTFSTVGYGDVTPKIWPSQLLVVIMICVALVVLPL
QFEELVYLWMERQK
;
B
3 'polypeptide(L)'
;KHVVLCVSSLKIDLLMDFLNEFYAHPRLQDYYVVILCPTEMDIQVRRVLQIPLWSQRVIYLQGSALKDQDLMRAKMDNGE
ACFILSSRNEVDRTAADHQTILRAWAVKDFAPNCPLYVQILKPENKFHVKFADHVVCEEECKYAMLALNCVCPATSTLIT
LLVHTSRGQEGQESPEQWQRMYGRCSGNEVYHIRMGDSKFFMEYEGKSFTYAAFHAHKKYGVCLIGIRREENKSILLNPG
PRHIMAASDTCFYINITKEENSAFIFKQAEKQKKKGFAGRGTYDGPSRLPVHSIIASMGTVAMDLQNTECRPTNSSKLAL
PAENGSGNRRPSIAPVLELADTSSLLPCDLLSDQSEDEMTQSDEEGSAVVEYVKGYPPNSPYIGSSPTLCHLLPEKAPFC
CLRLDKGCKHNSFEDAKAYGFKNKLIIVSAETAGNGLYNFIVPLRAYYRSRKELNPIVLLLDNKPEHHFLEAICCFPMVY
YMEGTIDNLDSLLQCGIIYADNLVVVDKESTMSAEEDYMADAKTIVNVQTMFRLFPSLSIITELTHPSNMRFMQFRAKDS
YSLALSKLEKKERENGSNLAFMFRLPFAAGRVFSISMLDTLLYQSFVKDYMITITRLLLGLDTTPGSGYLCAMKITEDDL
WIRTYGRLFQKLCSSSAEIPIGIYRTESHNTLSYVLINPPPDTRLELNDIVYLIRSDPLA
;
C
4 'polypeptide(L)'
;(UNK)(UNK)(UNK)(UNK)(UNK)(UNK)(UNK)(UNK)(UNK)(UNK)(UNK)(UNK)(UNK)(UNK)(UNK)(UNK)
(UNK)(UNK)(UNK)(UNK)(UNK)(UNK)(UNK)(UNK)(UNK)(UNK)(UNK)(UNK)(UNK)(UNK)(UNK)(UNK)
(UNK)(UNK)(UNK)(UNK)(UNK)(UNK)(UNK)(UNK)(UNK)(UNK)(UNK)
;
D
#
# COMPACT_ATOMS: atom_id res chain seq x y z
N UNK A 1 0.34 35.47 -7.66
CA UNK A 1 1.21 34.87 -6.65
C UNK A 1 0.93 33.38 -6.53
N UNK A 2 -0.29 32.97 -6.85
CA UNK A 2 -0.71 31.57 -6.71
C UNK A 2 -0.22 30.71 -7.88
N UNK A 3 -0.32 31.26 -9.09
CA UNK A 3 0.12 30.55 -10.29
C UNK A 3 1.59 30.16 -10.17
N UNK A 4 2.35 30.98 -9.45
CA UNK A 4 3.76 30.71 -9.21
C UNK A 4 3.93 29.54 -8.25
N UNK A 5 3.07 29.48 -7.24
CA UNK A 5 3.08 28.36 -6.29
C UNK A 5 2.73 27.07 -7.02
N UNK A 6 1.68 27.12 -7.84
CA UNK A 6 1.30 25.98 -8.65
C UNK A 6 2.45 25.54 -9.56
N UNK A 7 3.01 26.50 -10.30
CA UNK A 7 4.14 26.23 -11.18
C UNK A 7 5.30 25.58 -10.41
N UNK A 8 5.62 26.15 -9.25
CA UNK A 8 6.69 25.62 -8.40
C UNK A 8 6.39 24.17 -8.01
N UNK A 9 5.16 23.91 -7.56
CA UNK A 9 4.73 22.56 -7.25
C UNK A 9 4.98 21.64 -8.44
N UNK A 10 4.51 22.05 -9.61
CA UNK A 10 4.70 21.27 -10.83
C UNK A 10 6.19 21.01 -11.08
N UNK A 11 7.02 22.03 -10.88
CA UNK A 11 8.46 21.90 -11.08
C UNK A 11 9.05 20.90 -10.09
N UNK A 12 8.60 20.95 -8.84
CA UNK A 12 9.08 20.05 -7.81
C UNK A 12 8.67 18.61 -8.12
N UNK A 13 7.43 18.43 -8.59
CA UNK A 13 6.93 17.10 -8.93
C UNK A 13 7.74 16.46 -10.06
N UNK A 14 8.29 17.30 -10.94
CA UNK A 14 9.06 16.80 -12.08
C UNK A 14 10.39 16.19 -11.63
N UNK A 15 10.76 16.45 -10.38
CA UNK A 15 11.99 15.89 -9.82
C UNK A 15 11.77 14.47 -9.32
N UNK A 16 13.32 13.37 -13.54
CA UNK A 16 13.90 13.92 -14.77
C UNK A 16 14.55 15.27 -14.51
N UNK A 17 14.02 16.00 -13.53
CA UNK A 17 14.55 17.32 -13.19
C UNK A 17 15.80 17.21 -12.32
N UNK A 18 15.82 16.21 -11.43
CA UNK A 18 16.95 16.01 -10.53
C UNK A 18 18.25 15.84 -11.30
N UNK A 19 18.18 15.09 -12.40
CA UNK A 19 19.35 14.87 -13.25
C UNK A 19 19.80 16.19 -13.88
N UNK A 20 18.84 17.01 -14.30
CA UNK A 20 19.12 18.31 -14.87
C UNK A 20 19.82 19.20 -13.84
N UNK A 21 19.26 19.24 -12.63
CA UNK A 21 19.85 20.01 -11.53
C UNK A 21 21.28 19.54 -11.26
N UNK A 22 21.44 18.22 -11.09
CA UNK A 22 22.75 17.63 -10.86
C UNK A 22 23.71 18.03 -11.97
N UNK A 23 23.22 17.99 -13.22
CA UNK A 23 24.01 18.41 -14.36
C UNK A 23 24.48 19.86 -14.18
N UNK A 24 23.52 20.74 -13.89
CA UNK A 24 23.84 22.15 -13.64
C UNK A 24 24.92 22.29 -12.57
N UNK A 25 24.73 21.59 -11.45
CA UNK A 25 25.70 21.62 -10.37
C UNK A 25 27.09 21.21 -10.86
N UNK A 26 27.15 20.05 -11.52
CA UNK A 26 28.40 19.56 -12.09
C UNK A 26 29.05 20.64 -12.96
N UNK A 27 28.23 21.27 -13.80
CA UNK A 27 28.71 22.36 -14.64
C UNK A 27 29.35 23.46 -13.79
N UNK A 28 28.61 23.94 -12.79
CA UNK A 28 29.13 24.98 -11.90
C UNK A 28 30.47 24.57 -11.30
N UNK A 29 30.52 23.36 -10.73
CA UNK A 29 31.73 22.85 -10.12
C UNK A 29 32.89 22.87 -11.11
N UNK A 30 32.68 22.27 -12.27
CA UNK A 30 33.69 22.25 -13.32
C UNK A 30 34.17 23.67 -13.64
N UNK A 31 33.21 24.59 -13.75
CA UNK A 31 33.54 25.99 -14.00
C UNK A 31 34.49 26.51 -12.93
N UNK A 32 34.13 26.33 -11.66
CA UNK A 32 35.00 26.73 -10.56
C UNK A 32 36.40 26.11 -10.73
N UNK A 33 36.43 24.81 -10.96
CA UNK A 33 37.69 24.08 -11.13
C UNK A 33 38.56 24.74 -12.21
N UNK A 34 37.98 24.98 -13.38
CA UNK A 34 38.71 25.61 -14.47
C UNK A 34 39.16 27.01 -14.08
N UNK A 35 38.29 27.75 -13.41
CA UNK A 35 38.61 29.08 -12.93
C UNK A 35 39.88 29.04 -12.09
N UNK A 36 39.91 28.10 -11.14
CA UNK A 36 41.09 27.92 -10.29
C UNK A 36 42.36 27.71 -11.13
N UNK A 37 42.20 27.08 -12.29
CA UNK A 37 43.34 26.79 -13.17
C UNK A 37 43.76 28.01 -13.97
N UNK A 38 42.79 28.75 -14.51
CA UNK A 38 43.07 29.99 -15.22
C UNK A 38 43.79 30.97 -14.29
N UNK A 39 43.30 31.04 -13.06
CA UNK A 39 43.90 31.88 -12.02
C UNK A 39 45.40 31.58 -11.89
N UNK A 40 45.77 30.33 -12.07
CA UNK A 40 47.18 29.92 -12.03
C UNK A 40 47.88 30.23 -13.35
N UNK A 41 47.21 29.96 -14.46
CA UNK A 41 47.79 30.18 -15.79
C UNK A 41 48.17 31.64 -16.00
N UNK A 42 47.32 32.56 -15.56
CA UNK A 42 47.55 33.99 -15.80
C UNK A 42 48.89 34.49 -15.24
N UNK A 43 49.09 34.34 -13.93
CA UNK A 43 50.27 34.87 -13.27
C UNK A 43 51.55 34.43 -13.95
N UNK A 44 59.16 37.78 9.89
CA UNK A 44 58.61 38.92 9.16
C UNK A 44 58.10 38.50 7.79
N UNK A 45 58.24 37.22 7.47
CA UNK A 45 57.81 36.70 6.18
C UNK A 45 56.29 36.42 6.13
N UNK A 46 55.77 35.83 7.20
CA UNK A 46 54.37 35.40 7.24
C UNK A 46 53.41 36.58 7.09
N UNK A 47 53.79 37.74 7.61
CA UNK A 47 52.94 38.93 7.52
C UNK A 47 52.87 39.42 6.08
N UNK A 48 54.02 39.59 5.45
CA UNK A 48 54.08 39.99 4.04
C UNK A 48 53.34 38.96 3.19
N UNK A 49 53.45 37.69 3.58
CA UNK A 49 52.68 36.63 2.93
C UNK A 49 51.18 36.90 3.06
N UNK A 50 50.72 37.17 4.28
CA UNK A 50 49.32 37.48 4.52
C UNK A 50 48.90 38.75 3.78
N UNK A 51 49.83 39.68 3.61
CA UNK A 51 49.57 40.92 2.89
C UNK A 51 49.36 40.64 1.41
N UNK A 52 50.31 39.93 0.80
CA UNK A 52 50.16 39.50 -0.58
C UNK A 52 48.88 38.68 -0.72
N UNK A 53 48.57 37.91 0.32
CA UNK A 53 47.32 37.15 0.36
C UNK A 53 46.12 38.09 0.38
N UNK A 54 46.25 39.20 1.10
CA UNK A 54 45.20 40.21 1.13
C UNK A 54 45.05 40.86 -0.26
N UNK A 55 46.17 41.11 -0.92
CA UNK A 55 46.14 41.62 -2.29
C UNK A 55 45.40 40.63 -3.18
N UNK A 56 45.80 39.37 -3.12
CA UNK A 56 45.11 38.31 -3.84
C UNK A 56 43.68 38.17 -3.34
N UNK A 57 43.44 38.58 -2.09
CA UNK A 57 42.10 38.58 -1.53
C UNK A 57 41.30 39.73 -2.12
N UNK A 58 41.99 40.79 -2.53
CA UNK A 58 41.37 41.90 -3.24
C UNK A 58 41.14 41.55 -4.71
N UNK A 59 42.10 40.86 -5.31
CA UNK A 59 42.07 40.58 -6.76
C UNK A 59 40.76 39.98 -7.26
N UNK A 60 40.51 38.71 -6.94
CA UNK A 60 39.38 38.00 -7.51
C UNK A 60 38.09 38.23 -6.71
N UNK A 61 37.34 36.13 -16.03
CA UNK A 61 36.94 37.05 -14.97
C UNK A 61 35.42 37.05 -14.80
N UNK A 62 34.72 37.22 -15.91
CA UNK A 62 33.26 37.26 -15.90
C UNK A 62 32.68 35.87 -15.67
N UNK A 63 33.32 34.87 -16.28
CA UNK A 63 32.89 33.49 -16.16
C UNK A 63 32.94 33.04 -14.69
N UNK A 64 33.72 33.75 -13.88
CA UNK A 64 33.81 33.48 -12.46
C UNK A 64 32.57 34.00 -11.73
N UNK A 65 32.06 35.13 -12.21
CA UNK A 65 30.88 35.75 -11.61
C UNK A 65 29.58 35.07 -12.07
N UNK A 66 29.50 34.75 -13.36
CA UNK A 66 28.29 34.16 -13.92
C UNK A 66 27.84 32.91 -13.16
N UNK A 67 28.74 31.94 -13.04
CA UNK A 67 28.44 30.69 -12.36
C UNK A 67 28.03 30.95 -10.91
N UNK A 68 28.66 31.96 -10.30
CA UNK A 68 28.33 32.36 -8.94
C UNK A 68 26.89 32.86 -8.87
N UNK A 69 26.52 33.72 -9.81
CA UNK A 69 25.14 34.19 -9.90
C UNK A 69 24.19 33.01 -10.03
N UNK A 70 24.48 32.11 -10.96
CA UNK A 70 23.67 30.90 -11.14
C UNK A 70 23.53 30.14 -9.81
N UNK A 71 24.64 29.95 -9.12
CA UNK A 71 24.65 29.26 -7.83
C UNK A 71 23.72 29.96 -6.84
N UNK A 72 23.88 31.27 -6.69
CA UNK A 72 23.03 32.06 -5.80
C UNK A 72 21.56 31.84 -6.15
N UNK A 73 21.25 31.86 -7.45
CA UNK A 73 19.90 31.56 -7.91
C UNK A 73 19.44 30.20 -7.40
N UNK A 74 20.27 29.17 -7.61
CA UNK A 74 19.95 27.83 -7.12
C UNK A 74 19.64 27.83 -5.61
N UNK A 75 20.54 28.42 -4.84
CA UNK A 75 20.35 28.51 -3.38
C UNK A 75 19.03 29.18 -3.05
N UNK A 76 18.76 30.31 -3.71
CA UNK A 76 17.49 31.01 -3.52
C UNK A 76 16.31 30.10 -3.84
N UNK A 77 16.45 29.31 -4.91
CA UNK A 77 15.40 28.36 -5.30
C UNK A 77 15.16 27.33 -4.20
N UNK A 78 16.22 26.69 -3.72
CA UNK A 78 16.08 25.66 -2.69
C UNK A 78 15.59 26.25 -1.36
N UNK A 79 16.03 27.46 -1.05
CA UNK A 79 15.66 28.11 0.21
C UNK A 79 14.15 28.20 0.38
N UNK A 80 13.46 28.57 -0.69
CA UNK A 80 12.03 28.85 -0.65
C UNK A 80 11.15 27.67 -1.02
N UNK A 81 11.73 26.49 -1.24
CA UNK A 81 10.99 25.49 -2.00
C UNK A 81 9.94 24.75 -1.18
N UNK A 82 10.32 23.70 -0.45
CA UNK A 82 9.39 23.04 0.47
C UNK A 82 9.69 23.29 1.95
N UNK A 83 10.80 23.97 2.24
CA UNK A 83 11.37 23.94 3.58
C UNK A 83 10.37 24.41 4.64
N UNK A 84 10.12 23.55 5.62
CA UNK A 84 9.16 23.85 6.67
C UNK A 84 9.72 24.88 7.64
N UNK A 85 10.94 24.64 8.11
CA UNK A 85 11.59 25.54 9.06
C UNK A 85 13.03 25.82 8.67
N UNK A 86 13.60 26.86 9.26
CA UNK A 86 14.99 27.25 9.02
C UNK A 86 15.94 26.41 9.88
N UNK A 87 15.77 26.49 11.19
CA UNK A 87 16.62 25.77 12.13
C UNK A 87 16.57 24.25 11.91
N UNK A 88 15.63 23.79 11.09
CA UNK A 88 15.55 22.38 10.72
C UNK A 88 16.27 22.09 9.41
N UNK A 89 15.76 22.68 8.32
CA UNK A 89 16.29 22.41 6.98
C UNK A 89 17.65 23.05 6.72
N UNK A 90 17.79 24.33 7.07
CA UNK A 90 19.02 25.08 6.78
C UNK A 90 20.11 24.82 7.82
N UNK A 91 19.79 24.01 8.83
CA UNK A 91 20.75 23.69 9.89
C UNK A 91 21.92 22.87 9.36
N UNK A 92 21.71 22.21 8.24
CA UNK A 92 22.75 21.37 7.65
C UNK A 92 23.93 22.21 7.18
N UNK A 93 25.09 21.59 7.09
CA UNK A 93 26.30 22.28 6.65
C UNK A 93 26.40 22.32 5.13
N UNK A 94 25.57 21.54 4.46
CA UNK A 94 25.58 21.48 3.01
C UNK A 94 25.10 22.79 2.40
N UNK A 95 24.23 23.49 3.12
CA UNK A 95 23.73 24.78 2.66
C UNK A 95 24.75 25.89 2.91
N UNK A 96 25.40 25.82 4.07
CA UNK A 96 26.35 26.85 4.49
C UNK A 96 27.56 26.95 3.55
N UNK A 97 28.10 25.81 3.15
CA UNK A 97 29.25 25.77 2.25
C UNK A 97 28.94 26.49 0.93
N UNK A 98 28.01 25.94 0.17
CA UNK A 98 27.59 26.51 -1.11
C UNK A 98 27.19 27.97 -0.92
N UNK A 99 26.37 28.23 0.10
CA UNK A 99 25.94 29.58 0.41
C UNK A 99 27.15 30.49 0.64
N UNK A 100 28.17 29.97 1.32
CA UNK A 100 29.39 30.73 1.58
C UNK A 100 30.10 31.07 0.27
N UNK A 101 30.40 30.03 -0.50
CA UNK A 101 31.10 30.21 -1.77
C UNK A 101 30.38 31.22 -2.66
N UNK A 102 29.10 30.97 -2.91
CA UNK A 102 28.31 31.85 -3.76
C UNK A 102 28.22 33.25 -3.17
N UNK A 103 27.76 33.33 -1.93
CA UNK A 103 27.61 34.61 -1.23
C UNK A 103 28.88 35.44 -1.39
N UNK A 104 29.99 34.93 -0.89
CA UNK A 104 31.25 35.67 -0.97
C UNK A 104 31.59 36.00 -2.43
N UNK A 105 31.70 34.98 -3.27
CA UNK A 105 32.19 35.14 -4.63
C UNK A 105 31.32 36.09 -5.47
N UNK A 106 30.04 36.23 -5.08
CA UNK A 106 29.13 37.13 -5.78
C UNK A 106 28.97 38.47 -5.03
N UNK A 107 28.44 38.39 -3.81
CA UNK A 107 28.20 39.58 -3.00
C UNK A 107 29.45 40.44 -2.86
N UNK A 108 30.62 39.81 -2.73
CA UNK A 108 31.85 40.59 -2.62
C UNK A 108 32.24 41.17 -3.97
N UNK A 109 31.72 40.58 -5.04
CA UNK A 109 31.96 41.09 -6.39
C UNK A 109 31.06 42.30 -6.68
N UNK A 110 29.77 42.20 -6.36
CA UNK A 110 28.82 43.25 -6.70
C UNK A 110 28.52 44.28 -5.60
N UNK A 111 29.04 44.07 -4.40
CA UNK A 111 28.79 45.02 -3.30
C UNK A 111 29.69 46.25 -3.38
N UNK A 112 30.99 46.01 -3.57
CA UNK A 112 31.97 47.09 -3.65
C UNK A 112 33.17 46.67 -4.48
N UNK A 113 33.79 47.64 -5.17
CA UNK A 113 34.95 47.37 -6.01
C UNK A 113 34.64 46.26 -7.01
N UNK A 114 38.14 36.24 -2.84
CA UNK A 114 39.15 35.88 -3.82
C UNK A 114 40.02 34.74 -3.29
N UNK A 115 40.94 35.08 -2.40
CA UNK A 115 41.76 34.07 -1.72
C UNK A 115 40.87 33.04 -1.06
N UNK A 116 40.08 33.49 -0.10
CA UNK A 116 39.06 32.67 0.53
C UNK A 116 38.20 32.01 -0.55
N UNK A 117 37.82 32.80 -1.56
CA UNK A 117 37.00 32.30 -2.65
C UNK A 117 37.80 31.42 -3.60
N UNK A 118 39.12 31.52 -3.52
CA UNK A 118 40.00 30.64 -4.29
C UNK A 118 40.03 29.26 -3.63
N UNK A 119 40.50 29.22 -2.39
CA UNK A 119 40.64 27.95 -1.67
C UNK A 119 39.28 27.29 -1.38
N UNK A 120 38.32 28.08 -0.90
CA UNK A 120 37.05 27.53 -0.46
C UNK A 120 36.17 27.03 -1.61
N UNK A 121 35.94 27.88 -2.61
CA UNK A 121 35.01 27.57 -3.68
C UNK A 121 35.38 26.28 -4.41
N UNK A 122 36.67 26.06 -4.62
CA UNK A 122 37.16 24.84 -5.24
C UNK A 122 36.75 23.60 -4.44
N UNK A 123 37.28 23.49 -3.22
CA UNK A 123 36.97 22.38 -2.33
C UNK A 123 35.47 22.17 -2.24
N UNK A 124 34.75 23.26 -1.99
CA UNK A 124 33.29 23.22 -1.88
C UNK A 124 32.68 22.71 -3.19
N UNK A 125 33.26 23.13 -4.31
CA UNK A 125 32.76 22.70 -5.62
C UNK A 125 32.96 21.20 -5.80
N UNK A 126 34.11 20.70 -5.36
CA UNK A 126 34.38 19.26 -5.40
C UNK A 126 33.38 18.50 -4.52
N UNK A 127 33.26 18.92 -3.27
CA UNK A 127 32.33 18.28 -2.34
C UNK A 127 30.91 18.33 -2.90
N UNK A 128 30.55 19.46 -3.51
CA UNK A 128 29.22 19.62 -4.11
C UNK A 128 29.05 18.64 -5.27
N UNK A 129 30.08 18.52 -6.10
CA UNK A 129 30.08 17.56 -7.19
C UNK A 129 29.85 16.15 -6.64
N UNK A 130 30.54 15.82 -5.55
CA UNK A 130 30.35 14.54 -4.89
C UNK A 130 28.90 14.36 -4.44
N UNK A 131 28.38 15.34 -3.70
CA UNK A 131 27.00 15.29 -3.22
C UNK A 131 26.03 15.06 -4.38
N UNK A 132 26.13 15.89 -5.41
CA UNK A 132 25.28 15.75 -6.58
C UNK A 132 25.45 14.37 -7.22
N UNK A 133 26.69 13.90 -7.28
CA UNK A 133 26.98 12.58 -7.81
C UNK A 133 26.21 11.51 -7.03
N UNK A 134 26.24 11.62 -5.71
CA UNK A 134 25.47 10.72 -4.86
C UNK A 134 23.98 10.81 -5.19
N UNK A 135 23.46 12.03 -5.14
CA UNK A 135 22.05 12.28 -5.46
C UNK A 135 21.70 11.78 -6.86
N UNK A 136 22.69 11.76 -7.74
CA UNK A 136 22.49 11.27 -9.11
C UNK A 136 22.46 9.74 -9.13
N UNK A 137 23.41 9.11 -8.44
CA UNK A 137 23.51 7.65 -8.40
C UNK A 137 22.29 7.03 -7.74
N UNK A 138 21.84 7.63 -6.64
CA UNK A 138 20.70 7.11 -5.90
C UNK A 138 19.50 6.85 -6.82
N UNK A 139 19.13 7.86 -7.59
CA UNK A 139 17.98 7.73 -8.50
C UNK A 139 18.18 6.58 -9.47
N SER B 1 23.88 4.62 23.08
CA SER B 1 24.59 4.59 21.81
C SER B 1 26.06 4.19 22.00
N ALA B 2 26.37 2.95 21.63
CA ALA B 2 27.74 2.44 21.75
C ALA B 2 28.66 2.97 20.64
N MET B 3 28.10 3.07 19.43
CA MET B 3 28.81 3.66 18.30
C MET B 3 29.38 4.98 18.80
N PHE B 4 28.47 5.81 19.29
CA PHE B 4 28.79 7.10 19.86
C PHE B 4 29.88 6.98 20.93
N ASN B 5 29.68 6.05 21.87
CA ASN B 5 30.63 5.86 22.97
C ASN B 5 32.06 5.67 22.48
N GLN B 6 32.25 4.72 21.56
CA GLN B 6 33.61 4.48 21.10
C GLN B 6 34.11 5.58 20.18
N VAL B 7 33.24 6.20 19.38
CA VAL B 7 33.66 7.40 18.65
C VAL B 7 34.29 8.38 19.65
N LEU B 8 33.59 8.59 20.76
CA LEU B 8 34.09 9.43 21.84
C LEU B 8 35.44 8.92 22.31
N ILE B 9 35.53 7.65 22.70
CA ILE B 9 36.80 7.09 23.17
C ILE B 9 37.93 7.38 22.18
N LEU B 10 37.69 7.15 20.88
CA LEU B 10 38.68 7.43 19.85
C LEU B 10 39.12 8.88 19.94
N ILE B 11 38.16 9.79 19.88
CA ILE B 11 38.46 11.21 19.91
C ILE B 11 39.23 11.56 21.18
N CYS B 12 38.72 11.12 22.33
CA CYS B 12 39.35 11.35 23.62
C CYS B 12 40.81 10.94 23.56
N THR B 13 41.05 9.69 23.20
CA THR B 13 42.40 9.15 23.13
C THR B 13 43.29 9.96 22.19
N LEU B 14 42.80 10.23 20.98
CA LEU B 14 43.55 11.06 20.05
C LEU B 14 43.95 12.35 20.74
N LEU B 15 42.97 13.06 21.28
CA LEU B 15 43.22 14.32 21.98
C LEU B 15 44.27 14.13 23.07
N CYS B 16 44.10 13.11 23.90
CA CYS B 16 45.04 12.82 24.97
C CYS B 16 46.45 12.69 24.39
N LEU B 17 46.61 11.81 23.41
CA LEU B 17 47.91 11.57 22.80
C LEU B 17 48.51 12.86 22.25
N VAL B 18 47.71 13.65 21.55
CA VAL B 18 48.16 14.94 21.03
C VAL B 18 48.68 15.78 22.20
N PHE B 19 47.89 15.87 23.27
CA PHE B 19 48.28 16.62 24.46
C PHE B 19 49.61 16.11 25.03
N THR B 20 49.72 14.79 25.20
CA THR B 20 50.93 14.19 25.73
C THR B 20 52.12 14.52 24.83
N GLY B 21 51.88 14.53 23.52
CA GLY B 21 52.92 14.83 22.57
C GLY B 21 53.39 16.28 22.66
N THR B 22 52.43 17.22 22.69
CA THR B 22 52.76 18.63 22.88
C THR B 22 53.56 18.80 24.17
N CYS B 23 52.98 18.33 25.27
CA CYS B 23 53.61 18.40 26.58
C CYS B 23 54.94 17.64 26.59
N GLY B 24 55.03 16.60 25.77
CA GLY B 24 56.24 15.82 25.67
C GLY B 24 57.38 16.58 25.04
N ILE B 25 57.13 17.14 23.86
CA ILE B 25 58.16 17.87 23.12
C ILE B 25 58.36 19.26 23.70
N GLN B 26 57.37 19.77 24.42
CA GLN B 26 57.42 21.13 24.96
C GLN B 26 58.63 21.41 25.83
N HIS B 27 58.85 20.60 26.87
CA HIS B 27 59.90 20.89 27.86
C HIS B 27 61.30 20.47 27.42
N LEU B 28 61.39 19.53 26.48
CA LEU B 28 62.69 18.95 26.12
C LEU B 28 63.44 19.75 25.06
N GLU B 29 62.89 19.78 23.86
CA GLU B 29 63.52 20.50 22.75
C GLU B 29 63.58 22.00 23.03
N ARG B 30 62.78 22.45 23.99
CA ARG B 30 62.78 23.86 24.41
C ARG B 30 64.16 24.26 24.94
N ALA B 31 65.00 23.29 25.25
CA ALA B 31 66.35 23.54 25.74
C ALA B 31 67.36 23.62 24.58
N GLY B 32 67.66 22.48 23.96
CA GLY B 32 68.67 22.41 22.93
C GLY B 32 68.35 23.19 21.67
N GLU B 33 67.24 22.84 21.03
CA GLU B 33 66.77 23.56 19.84
C GLU B 33 65.30 23.93 19.99
N LYS B 34 65.02 25.23 20.14
CA LYS B 34 63.69 25.69 20.53
C LYS B 34 62.66 25.55 19.39
N LEU B 35 61.52 24.95 19.73
CA LEU B 35 60.45 24.71 18.76
C LEU B 35 59.09 25.19 19.30
N SER B 36 58.30 25.81 18.44
CA SER B 36 56.97 26.27 18.83
C SER B 36 56.00 25.10 18.97
N LEU B 37 54.91 25.33 19.68
CA LEU B 37 53.93 24.27 19.97
C LEU B 37 53.36 23.66 18.70
N PHE B 38 53.18 24.50 17.69
CA PHE B 38 52.56 24.08 16.43
C PHE B 38 53.46 23.04 15.78
N LYS B 39 54.76 23.19 15.98
CA LYS B 39 55.72 22.18 15.54
C LYS B 39 55.42 20.86 16.23
N SER B 40 55.11 20.93 17.52
CA SER B 40 54.77 19.73 18.26
C SER B 40 53.51 19.11 17.66
N PHE B 41 52.43 19.88 17.60
CA PHE B 41 51.16 19.39 17.03
C PHE B 41 51.46 18.67 15.72
N TYR B 42 52.21 19.37 14.88
CA TYR B 42 52.71 18.83 13.63
C TYR B 42 53.32 17.44 13.86
N PHE B 43 54.41 17.38 14.63
CA PHE B 43 55.08 16.11 14.90
C PHE B 43 54.12 15.01 15.36
N CYS B 44 53.35 15.29 16.41
CA CYS B 44 52.41 14.31 16.94
C CYS B 44 51.51 13.76 15.86
N ILE B 45 50.82 14.65 15.18
CA ILE B 45 49.87 14.26 14.16
C ILE B 45 50.65 13.69 12.97
N VAL B 46 51.94 13.98 12.91
CA VAL B 46 52.81 13.40 11.90
C VAL B 46 53.21 11.99 12.32
N THR B 47 53.27 11.72 13.63
CA THR B 47 53.59 10.38 14.12
C THR B 47 52.39 9.45 14.05
N PHE B 48 51.24 9.91 14.54
CA PHE B 48 50.07 9.06 14.62
C PHE B 48 49.37 8.92 13.27
N SER B 49 49.75 9.78 12.33
CA SER B 49 49.27 9.68 10.96
C SER B 49 50.15 8.73 10.15
N THR B 50 51.30 8.37 10.71
CA THR B 50 52.27 7.50 10.04
C THR B 50 52.81 8.15 8.76
N VAL B 51 53.20 9.43 8.87
CA VAL B 51 53.75 10.18 7.73
C VAL B 51 55.27 10.31 7.86
N GLY B 52 55.74 10.99 8.90
CA GLY B 52 57.17 11.09 9.16
C GLY B 52 58.02 11.91 8.19
N TYR B 53 57.69 13.18 8.02
CA TYR B 53 58.46 14.04 7.11
C TYR B 53 59.94 14.16 7.50
N GLY B 54 60.21 14.63 8.70
CA GLY B 54 61.58 14.68 9.20
C GLY B 54 62.33 15.99 9.12
N ASP B 55 61.62 17.09 8.92
CA ASP B 55 62.26 18.42 8.90
C ASP B 55 62.98 18.68 10.22
N VAL B 56 62.31 18.35 11.33
CA VAL B 56 62.87 18.56 12.66
C VAL B 56 62.55 17.35 13.53
N THR B 57 63.57 16.80 14.18
CA THR B 57 63.41 15.61 14.99
C THR B 57 64.30 15.70 16.24
N PRO B 58 64.17 14.75 17.18
CA PRO B 58 65.04 14.83 18.37
C PRO B 58 66.49 14.44 18.08
N LYS B 59 67.43 15.28 18.51
CA LYS B 59 68.85 15.00 18.37
C LYS B 59 69.51 14.53 19.67
N ILE B 60 68.71 14.37 20.72
CA ILE B 60 69.25 14.23 22.08
C ILE B 60 69.01 12.82 22.62
N TRP B 61 69.84 12.43 23.58
CA TRP B 61 69.80 11.09 24.15
C TRP B 61 68.38 10.70 24.60
N PRO B 62 67.79 11.44 25.56
CA PRO B 62 66.46 11.02 25.98
C PRO B 62 65.34 11.36 25.00
N SER B 63 65.50 12.44 24.24
CA SER B 63 64.42 13.02 23.46
C SER B 63 63.82 12.04 22.46
N GLN B 64 64.67 11.33 21.75
CA GLN B 64 64.20 10.34 20.78
C GLN B 64 63.38 9.27 21.51
N LEU B 65 63.99 8.68 22.54
CA LEU B 65 63.37 7.60 23.28
C LEU B 65 61.96 7.97 23.72
N LEU B 66 61.80 9.14 24.33
CA LEU B 66 60.51 9.58 24.83
C LEU B 66 59.47 9.58 23.70
N VAL B 67 59.80 10.22 22.58
CA VAL B 67 58.94 10.18 21.41
C VAL B 67 58.67 8.72 21.06
N VAL B 68 59.75 7.95 20.95
CA VAL B 68 59.66 6.54 20.61
C VAL B 68 58.72 5.80 21.57
N ILE B 69 58.98 5.93 22.87
CA ILE B 69 58.17 5.22 23.88
C ILE B 69 56.70 5.56 23.66
N MET B 70 56.40 6.84 23.48
CA MET B 70 55.02 7.28 23.28
C MET B 70 54.42 6.63 22.04
N ILE B 71 55.22 6.49 20.99
CA ILE B 71 54.78 5.87 19.76
C ILE B 71 54.49 4.39 20.01
N CYS B 72 55.45 3.68 20.58
CA CYS B 72 55.29 2.26 20.86
C CYS B 72 54.03 1.98 21.66
N VAL B 73 53.83 2.74 22.73
CA VAL B 73 52.60 2.65 23.51
C VAL B 73 51.44 2.97 22.59
N ALA B 74 51.56 4.06 21.84
CA ALA B 74 50.50 4.48 20.92
C ALA B 74 50.19 3.38 19.92
N LEU B 75 51.22 2.79 19.32
CA LEU B 75 51.04 1.77 18.29
C LEU B 75 50.29 0.55 18.81
N VAL B 76 50.43 0.27 20.11
CA VAL B 76 49.62 -0.77 20.72
C VAL B 76 48.25 -0.18 21.04
N VAL B 77 48.25 1.05 21.56
CA VAL B 77 47.02 1.73 21.99
C VAL B 77 46.17 2.10 20.78
N LEU B 78 46.80 2.42 19.65
CA LEU B 78 46.07 2.83 18.46
C LEU B 78 45.07 1.75 18.05
N PRO B 79 45.57 0.54 17.72
CA PRO B 79 44.65 -0.49 17.22
C PRO B 79 43.60 -0.93 18.24
N LEU B 80 43.92 -0.90 19.53
CA LEU B 80 42.96 -1.28 20.56
C LEU B 80 41.64 -0.55 20.32
N GLN B 81 41.73 0.72 19.97
CA GLN B 81 40.57 1.57 19.80
C GLN B 81 39.95 1.39 18.42
N PHE B 82 40.79 1.26 17.38
CA PHE B 82 40.27 0.96 16.05
C PHE B 82 39.56 -0.39 16.14
N GLU B 83 40.23 -1.36 16.75
CA GLU B 83 39.64 -2.68 17.00
C GLU B 83 38.27 -2.51 17.65
N GLU B 84 38.23 -1.72 18.71
CA GLU B 84 36.97 -1.38 19.37
C GLU B 84 35.93 -0.85 18.39
N LEU B 85 36.27 0.22 17.66
CA LEU B 85 35.37 0.81 16.67
C LEU B 85 34.82 -0.25 15.71
N VAL B 86 35.66 -1.19 15.32
CA VAL B 86 35.21 -2.27 14.43
C VAL B 86 34.13 -3.11 15.11
N TYR B 87 34.34 -3.43 16.38
CA TYR B 87 33.43 -4.31 17.12
C TYR B 87 31.99 -3.80 17.09
N LEU B 88 31.82 -2.49 17.21
CA LEU B 88 30.48 -1.89 17.22
C LEU B 88 29.85 -1.92 15.85
N TRP B 89 30.63 -1.55 14.84
CA TRP B 89 30.16 -1.60 13.46
C TRP B 89 29.59 -2.99 13.17
N MET B 90 30.18 -4.01 13.79
CA MET B 90 29.67 -5.37 13.71
C MET B 90 28.35 -5.52 14.50
N GLU B 91 28.24 -4.81 15.61
CA GLU B 91 27.03 -4.83 16.42
C GLU B 91 25.89 -4.11 15.70
N ARG B 92 26.20 -2.97 15.10
CA ARG B 92 25.22 -2.18 14.36
C ARG B 92 24.63 -3.00 13.20
N GLN B 93 25.50 -3.72 12.50
CA GLN B 93 25.08 -4.59 11.42
C GLN B 93 24.14 -5.68 11.92
N LYS B 94 24.47 -6.27 13.07
CA LYS B 94 23.65 -7.31 13.66
C LYS B 94 22.25 -6.79 13.97
N LYS C 1 5.29 12.43 11.40
CA LYS C 1 4.52 11.82 10.32
C LYS C 1 4.77 10.32 10.20
N HIS C 2 4.65 9.60 11.30
CA HIS C 2 5.11 8.22 11.38
C HIS C 2 3.94 7.23 11.34
N VAL C 3 3.88 6.44 10.26
CA VAL C 3 2.85 5.41 10.10
C VAL C 3 3.32 4.04 10.55
N VAL C 4 2.47 3.34 11.29
CA VAL C 4 2.84 2.08 11.91
C VAL C 4 2.18 0.91 11.23
N LEU C 5 2.95 -0.15 11.06
CA LEU C 5 2.44 -1.41 10.55
C LEU C 5 3.09 -2.57 11.29
N CYS C 6 2.27 -3.52 11.74
CA CYS C 6 2.78 -4.65 12.48
C CYS C 6 2.30 -6.00 11.93
N VAL C 7 3.20 -6.98 11.94
CA VAL C 7 2.95 -8.31 11.35
C VAL C 7 3.83 -9.39 11.98
N SER C 8 3.34 -10.63 11.97
CA SER C 8 4.11 -11.76 12.51
C SER C 8 5.22 -12.25 11.56
N SER C 9 4.88 -12.51 10.30
CA SER C 9 5.87 -12.94 9.29
C SER C 9 5.71 -12.15 8.00
N LEU C 10 6.71 -11.34 7.67
CA LEU C 10 6.67 -10.60 6.43
C LEU C 10 7.13 -11.43 5.26
N LYS C 11 6.64 -11.06 4.09
CA LYS C 11 7.06 -11.69 2.86
C LYS C 11 7.01 -10.64 1.78
N ILE C 12 7.72 -10.90 0.70
CA ILE C 12 7.85 -9.92 -0.36
C ILE C 12 6.48 -9.36 -0.64
N ASP C 13 5.54 -10.29 -0.76
CA ASP C 13 4.21 -9.97 -1.20
C ASP C 13 3.51 -8.85 -0.42
N LEU C 14 3.11 -9.18 0.80
CA LEU C 14 2.24 -8.31 1.61
C LEU C 14 2.83 -6.91 1.62
N LEU C 15 4.09 -6.86 2.00
CA LEU C 15 4.87 -5.64 1.95
C LEU C 15 4.68 -4.94 0.62
N MET C 16 5.22 -5.56 -0.42
CA MET C 16 5.28 -4.95 -1.73
C MET C 16 3.98 -4.28 -2.02
N ASP C 17 2.92 -5.08 -2.13
CA ASP C 17 1.66 -4.53 -2.60
C ASP C 17 1.18 -3.44 -1.65
N PHE C 18 1.46 -3.58 -0.35
CA PHE C 18 1.17 -2.46 0.54
C PHE C 18 1.87 -1.22 0.05
N LEU C 19 3.19 -1.27 0.04
CA LEU C 19 4.01 -0.14 -0.37
C LEU C 19 3.46 0.46 -1.65
N ASN C 20 3.56 -0.32 -2.73
CA ASN C 20 3.18 0.15 -4.05
C ASN C 20 1.81 0.77 -3.97
N GLU C 21 0.95 0.15 -3.17
CA GLU C 21 -0.37 0.72 -2.96
C GLU C 21 -0.35 2.01 -2.14
N PHE C 22 0.52 2.09 -1.14
CA PHE C 22 0.37 3.15 -0.16
C PHE C 22 0.79 4.50 -0.70
N TYR C 23 1.86 4.52 -1.48
CA TYR C 23 2.38 5.77 -2.04
C TYR C 23 1.63 6.16 -3.30
N ALA C 24 0.67 5.34 -3.69
CA ALA C 24 -0.18 5.63 -4.84
C ALA C 24 -1.01 6.88 -4.57
N HIS C 25 -1.19 7.22 -3.30
CA HIS C 25 -1.92 8.43 -2.95
C HIS C 25 -1.03 9.65 -3.05
N PRO C 26 -1.48 10.65 -3.82
CA PRO C 26 -0.67 11.85 -4.02
C PRO C 26 -0.58 12.65 -2.75
N ARG C 27 -1.68 12.62 -2.03
CA ARG C 27 -1.91 13.47 -0.91
C ARG C 27 -1.00 13.02 0.23
N LEU C 28 -1.25 11.81 0.70
CA LEU C 28 -0.43 11.28 1.78
C LEU C 28 0.55 10.34 1.15
N GLN C 29 1.79 10.80 1.08
CA GLN C 29 2.88 9.97 0.65
C GLN C 29 3.93 10.08 1.73
N ASP C 30 4.35 11.32 2.01
CA ASP C 30 5.47 11.48 2.91
C ASP C 30 5.02 10.99 4.28
N TYR C 31 5.65 9.91 4.70
CA TYR C 31 5.45 9.33 6.01
C TYR C 31 6.62 8.44 6.26
N TYR C 32 6.87 8.18 7.52
CA TYR C 32 7.85 7.19 7.88
C TYR C 32 7.01 5.94 8.14
N VAL C 33 7.19 4.93 7.30
CA VAL C 33 6.51 3.64 7.45
C VAL C 33 7.25 2.73 8.40
N VAL C 34 6.58 2.37 9.49
CA VAL C 34 7.23 1.67 10.58
C VAL C 34 6.87 0.19 10.52
N ILE C 35 7.91 -0.66 10.53
CA ILE C 35 7.71 -2.10 10.58
C ILE C 35 8.14 -2.76 11.89
N LEU C 36 7.21 -3.49 12.50
CA LEU C 36 7.48 -4.26 13.71
C LEU C 36 7.32 -5.76 13.49
N CYS C 37 8.40 -6.49 13.70
CA CYS C 37 8.34 -7.94 13.59
C CYS C 37 9.29 -8.62 14.57
N PRO C 38 8.90 -9.79 15.09
CA PRO C 38 9.83 -10.55 15.94
C PRO C 38 11.04 -11.19 15.25
N THR C 39 10.79 -11.84 14.11
CA THR C 39 11.82 -12.56 13.38
C THR C 39 12.63 -11.62 12.49
N GLU C 40 13.86 -12.02 12.16
CA GLU C 40 14.72 -11.23 11.28
C GLU C 40 14.15 -11.11 9.87
N MET C 41 14.61 -10.10 9.13
CA MET C 41 14.30 -9.98 7.70
C MET C 41 14.90 -11.16 6.90
N ASP C 42 14.20 -11.64 5.87
CA ASP C 42 14.73 -12.68 4.98
C ASP C 42 15.77 -12.03 4.06
N ILE C 43 16.45 -12.83 3.24
CA ILE C 43 17.55 -12.34 2.38
C ILE C 43 16.99 -11.66 1.12
N GLN C 44 15.71 -11.91 0.86
CA GLN C 44 14.99 -11.38 -0.29
C GLN C 44 14.39 -10.03 0.06
N VAL C 45 13.49 -10.03 1.03
CA VAL C 45 12.81 -8.81 1.44
C VAL C 45 13.82 -7.74 1.92
N ARG C 46 14.85 -8.16 2.65
CA ARG C 46 15.87 -7.22 3.16
C ARG C 46 16.57 -6.53 2.00
N ARG C 47 16.38 -7.07 0.80
CA ARG C 47 16.94 -6.50 -0.41
C ARG C 47 16.10 -5.34 -0.96
N VAL C 48 14.80 -5.35 -0.68
CA VAL C 48 13.91 -4.30 -1.20
C VAL C 48 13.92 -3.05 -0.32
N LEU C 49 14.60 -3.14 0.82
CA LEU C 49 14.78 -1.98 1.70
C LEU C 49 16.01 -1.17 1.32
N GLN C 50 16.85 -1.76 0.47
CA GLN C 50 18.14 -1.19 0.09
C GLN C 50 18.02 -0.34 -1.19
N ILE C 51 16.86 -0.37 -1.84
CA ILE C 51 16.65 0.31 -3.13
C ILE C 51 16.63 1.86 -2.98
N PRO C 52 17.26 2.63 -3.94
CA PRO C 52 17.42 4.09 -3.74
C PRO C 52 16.17 4.89 -3.31
N LEU C 53 14.98 4.47 -3.74
CA LEU C 53 13.73 5.18 -3.43
C LEU C 53 13.14 4.88 -2.03
N TRP C 54 13.04 3.59 -1.68
CA TRP C 54 12.31 3.17 -0.47
C TRP C 54 13.17 3.16 0.79
N SER C 55 14.44 3.56 0.66
CA SER C 55 15.36 3.52 1.79
C SER C 55 14.87 4.31 2.99
N GLN C 56 14.76 5.62 2.80
CA GLN C 56 14.52 6.56 3.91
C GLN C 56 13.05 6.91 4.11
N ARG C 57 12.17 6.29 3.34
CA ARG C 57 10.74 6.40 3.58
C ARG C 57 10.18 5.18 4.34
N VAL C 58 11.06 4.21 4.62
CA VAL C 58 10.68 2.97 5.32
C VAL C 58 11.57 2.66 6.52
N ILE C 59 11.01 2.76 7.73
CA ILE C 59 11.76 2.40 8.93
C ILE C 59 11.36 0.97 9.29
N TYR C 60 12.37 0.12 9.40
CA TYR C 60 12.20 -1.23 9.91
C TYR C 60 12.84 -1.43 11.28
N LEU C 61 12.10 -1.99 12.23
CA LEU C 61 12.64 -2.28 13.57
C LEU C 61 12.21 -3.66 14.06
N GLN C 62 13.08 -4.29 14.86
CA GLN C 62 12.85 -5.64 15.36
C GLN C 62 12.21 -5.63 16.75
N GLY C 63 11.04 -6.24 16.87
CA GLY C 63 10.33 -6.32 18.14
C GLY C 63 8.86 -6.70 18.03
N SER C 64 8.22 -6.85 19.19
CA SER C 64 6.82 -7.30 19.27
C SER C 64 5.83 -6.19 19.66
N ALA C 65 4.55 -6.56 19.71
CA ALA C 65 3.50 -5.62 20.09
C ALA C 65 3.17 -5.64 21.58
N LEU C 66 3.62 -6.67 22.27
CA LEU C 66 3.24 -6.86 23.67
C LEU C 66 4.07 -6.06 24.64
N LYS C 67 5.39 -6.15 24.48
CA LYS C 67 6.30 -5.40 25.32
C LYS C 67 6.01 -3.93 25.09
N ASP C 68 6.03 -3.15 26.17
CA ASP C 68 5.72 -1.72 26.07
C ASP C 68 6.93 -0.91 25.52
N GLN C 69 8.14 -1.41 25.81
CA GLN C 69 9.39 -0.79 25.33
C GLN C 69 9.44 -0.57 23.81
N ASP C 70 9.19 -1.64 23.05
CA ASP C 70 9.29 -1.58 21.59
C ASP C 70 8.15 -0.74 20.96
N LEU C 71 6.99 -0.70 21.62
CA LEU C 71 5.91 0.22 21.22
C LEU C 71 6.42 1.65 21.32
N MET C 72 7.01 1.99 22.49
CA MET C 72 7.67 3.29 22.63
C MET C 72 8.62 3.55 21.45
N ARG C 73 9.48 2.56 21.20
CA ARG C 73 10.49 2.66 20.15
C ARG C 73 9.93 3.15 18.80
N ALA C 74 8.65 2.90 18.55
CA ALA C 74 8.02 3.27 17.29
C ALA C 74 7.42 4.68 17.33
N LYS C 75 7.38 5.28 18.51
CA LYS C 75 6.72 6.57 18.67
C LYS C 75 5.26 6.42 18.22
N MET C 76 4.45 5.72 19.00
CA MET C 76 3.03 5.52 18.67
C MET C 76 2.23 6.81 18.78
N ASP C 77 2.30 7.42 19.96
CA ASP C 77 1.53 8.62 20.27
C ASP C 77 1.68 9.68 19.19
N ASN C 78 2.92 9.89 18.76
CA ASN C 78 3.27 10.83 17.68
C ASN C 78 2.66 10.28 16.36
N GLY C 79 2.81 8.97 16.11
CA GLY C 79 2.39 8.35 14.85
C GLY C 79 0.94 8.57 14.46
N GLU C 80 0.70 8.82 13.17
CA GLU C 80 -0.64 9.22 12.70
C GLU C 80 -1.53 8.04 12.32
N ALA C 81 -0.93 6.86 12.18
CA ALA C 81 -1.70 5.69 11.80
C ALA C 81 -1.10 4.40 12.35
N CYS C 82 -1.97 3.49 12.76
CA CYS C 82 -1.55 2.21 13.34
C CYS C 82 -2.18 1.04 12.62
N PHE C 83 -1.34 0.19 12.03
CA PHE C 83 -1.85 -0.95 11.28
C PHE C 83 -1.35 -2.24 11.85
N ILE C 84 -2.28 -3.13 12.08
CA ILE C 84 -1.97 -4.48 12.46
C ILE C 84 -2.49 -5.36 11.37
N LEU C 85 -1.76 -6.43 11.13
CA LEU C 85 -2.02 -7.30 10.01
C LEU C 85 -1.83 -8.73 10.47
N SER C 86 -2.46 -9.67 9.77
CA SER C 86 -2.33 -11.09 10.10
C SER C 86 -1.62 -11.89 9.01
N SER C 87 -0.78 -12.84 9.41
CA SER C 87 -0.15 -13.72 8.44
C SER C 87 -1.21 -14.60 7.77
N ARG C 88 -1.07 -14.79 6.46
CA ARG C 88 -2.00 -15.61 5.69
C ARG C 88 -1.68 -17.10 5.84
N ASN C 89 -0.48 -17.48 5.45
CA ASN C 89 -0.09 -18.88 5.41
C ASN C 89 0.48 -19.35 6.72
N GLU C 90 -0.28 -20.22 7.36
CA GLU C 90 0.11 -20.77 8.64
C GLU C 90 -0.49 -22.15 8.87
N VAL C 91 0.16 -22.88 9.75
CA VAL C 91 -0.26 -24.22 10.17
C VAL C 91 -1.68 -24.15 10.74
N ASP C 92 -1.86 -23.28 11.72
CA ASP C 92 -3.09 -23.20 12.51
C ASP C 92 -3.84 -21.94 12.11
N ARG C 93 -5.10 -22.11 11.72
CA ARG C 93 -5.95 -20.97 11.42
C ARG C 93 -6.43 -20.32 12.71
N THR C 94 -6.76 -21.13 13.73
CA THR C 94 -7.36 -20.62 14.96
C THR C 94 -6.38 -19.83 15.86
N ALA C 95 -5.07 -20.09 15.74
CA ALA C 95 -4.07 -19.44 16.59
C ALA C 95 -3.75 -18.01 16.15
N ALA C 96 -3.57 -17.87 14.84
CA ALA C 96 -3.24 -16.57 14.26
C ALA C 96 -4.20 -15.50 14.81
N ASP C 97 -5.48 -15.86 14.86
CA ASP C 97 -6.53 -14.99 15.38
C ASP C 97 -6.16 -14.41 16.74
N HIS C 98 -5.88 -15.33 17.64
CA HIS C 98 -5.49 -14.98 18.99
C HIS C 98 -4.36 -13.94 18.87
N GLN C 99 -3.32 -14.26 18.08
CA GLN C 99 -2.16 -13.36 17.98
C GLN C 99 -2.62 -11.91 17.71
N THR C 100 -3.36 -11.77 16.62
CA THR C 100 -3.83 -10.46 16.20
C THR C 100 -4.63 -9.76 17.30
N ILE C 101 -5.78 -10.35 17.67
CA ILE C 101 -6.72 -9.66 18.55
C ILE C 101 -5.96 -9.20 19.75
N LEU C 102 -5.07 -10.05 20.24
CA LEU C 102 -4.24 -9.67 21.36
C LEU C 102 -3.60 -8.35 21.01
N ARG C 103 -2.79 -8.34 19.95
CA ARG C 103 -2.05 -7.13 19.60
C ARG C 103 -2.98 -5.93 19.71
N ALA C 104 -4.19 -6.10 19.17
CA ALA C 104 -5.16 -5.01 19.18
C ALA C 104 -5.28 -4.39 20.56
N TRP C 105 -5.52 -5.23 21.55
CA TRP C 105 -5.66 -4.72 22.90
C TRP C 105 -4.44 -3.85 23.15
N ALA C 106 -3.26 -4.47 23.20
CA ALA C 106 -2.04 -3.78 23.64
C ALA C 106 -1.90 -2.41 22.99
N VAL C 107 -2.11 -2.35 21.67
CA VAL C 107 -2.00 -1.08 20.99
C VAL C 107 -3.06 -0.11 21.49
N LYS C 108 -4.31 -0.55 21.52
CA LYS C 108 -5.39 0.32 22.00
C LYS C 108 -5.04 0.85 23.39
N ASP C 109 -4.65 -0.06 24.28
CA ASP C 109 -4.18 0.30 25.62
C ASP C 109 -3.19 1.44 25.60
N PHE C 110 -2.06 1.14 24.99
CA PHE C 110 -0.99 2.08 24.93
C PHE C 110 -1.50 3.49 24.57
N ALA C 111 -2.08 3.64 23.40
CA ALA C 111 -2.55 4.94 22.93
C ALA C 111 -3.99 4.88 22.43
N PRO C 112 -4.96 5.10 23.33
CA PRO C 112 -6.37 4.97 22.94
C PRO C 112 -6.93 6.21 22.24
N ASN C 113 -6.20 6.69 21.23
CA ASN C 113 -6.61 7.84 20.44
C ASN C 113 -6.61 7.43 18.99
N CYS C 114 -5.42 7.04 18.54
CA CYS C 114 -5.11 6.79 17.14
C CYS C 114 -6.06 5.80 16.50
N PRO C 115 -6.22 5.90 15.18
CA PRO C 115 -7.09 4.93 14.55
C PRO C 115 -6.48 3.56 14.63
N LEU C 116 -7.27 2.53 14.44
CA LEU C 116 -6.76 1.19 14.51
C LEU C 116 -7.30 0.34 13.40
N TYR C 117 -6.41 -0.31 12.68
CA TYR C 117 -6.79 -1.13 11.56
C TYR C 117 -6.19 -2.52 11.69
N VAL C 118 -7.00 -3.52 11.37
CA VAL C 118 -6.59 -4.88 11.60
C VAL C 118 -7.34 -5.90 10.74
N GLN C 119 -6.74 -7.07 10.52
CA GLN C 119 -7.40 -8.17 9.81
C GLN C 119 -7.80 -9.29 10.76
N ILE C 120 -8.87 -10.00 10.41
CA ILE C 120 -9.30 -11.14 11.21
C ILE C 120 -9.74 -12.31 10.32
N LEU C 121 -9.09 -13.46 10.49
CA LEU C 121 -9.47 -14.66 9.74
C LEU C 121 -10.89 -15.21 10.01
N LYS C 122 -11.15 -15.79 11.20
CA LYS C 122 -12.43 -16.49 11.47
C LYS C 122 -13.54 -15.53 11.92
N PRO C 123 -14.78 -15.75 11.45
CA PRO C 123 -15.91 -14.84 11.70
C PRO C 123 -16.29 -14.80 13.16
N GLU C 124 -16.24 -15.98 13.74
CA GLU C 124 -16.55 -16.20 15.12
C GLU C 124 -15.87 -15.15 16.00
N ASN C 125 -14.62 -14.83 15.69
CA ASN C 125 -13.81 -13.93 16.53
C ASN C 125 -14.04 -12.44 16.26
N LYS C 126 -14.80 -12.15 15.21
CA LYS C 126 -15.12 -10.77 14.85
C LYS C 126 -15.61 -10.02 16.10
N PHE C 127 -16.44 -10.72 16.86
CA PHE C 127 -17.12 -10.18 18.01
C PHE C 127 -16.17 -9.52 19.01
N HIS C 128 -14.91 -9.96 19.03
CA HIS C 128 -14.01 -9.52 20.09
C HIS C 128 -13.47 -8.12 19.92
N VAL C 129 -13.03 -7.78 18.73
CA VAL C 129 -12.74 -6.40 18.50
C VAL C 129 -13.89 -5.88 17.69
N LYS C 130 -14.85 -5.29 18.37
CA LYS C 130 -15.85 -4.49 17.73
C LYS C 130 -15.55 -3.04 18.03
N PHE C 131 -14.61 -2.83 18.95
CA PHE C 131 -14.37 -1.50 19.50
C PHE C 131 -13.49 -0.71 18.57
N ALA C 132 -12.73 -1.42 17.75
CA ALA C 132 -11.76 -0.79 16.87
C ALA C 132 -12.43 0.00 15.75
N ASP C 133 -11.69 0.97 15.23
CA ASP C 133 -12.13 1.80 14.12
C ASP C 133 -12.66 0.92 13.00
N HIS C 134 -11.75 0.21 12.34
CA HIS C 134 -12.11 -0.59 11.18
C HIS C 134 -11.44 -1.93 11.19
N VAL C 135 -12.22 -2.90 10.77
CA VAL C 135 -11.83 -4.28 10.84
C VAL C 135 -12.26 -4.97 9.56
N VAL C 136 -11.33 -5.68 8.91
CA VAL C 136 -11.66 -6.48 7.74
C VAL C 136 -11.80 -7.94 8.11
N CYS C 137 -12.96 -8.53 7.82
CA CYS C 137 -13.22 -9.92 8.18
C CYS C 137 -13.09 -10.87 7.01
N GLU C 138 -12.05 -11.70 7.06
CA GLU C 138 -11.66 -12.51 5.92
C GLU C 138 -12.75 -13.48 5.44
N GLU C 139 -13.00 -14.52 6.22
CA GLU C 139 -13.78 -15.67 5.73
C GLU C 139 -15.15 -15.20 5.19
N GLU C 140 -15.87 -14.40 5.99
CA GLU C 140 -17.23 -13.96 5.64
C GLU C 140 -17.22 -13.41 4.22
N CYS C 141 -16.29 -12.50 3.96
CA CYS C 141 -16.18 -11.87 2.65
C CYS C 141 -15.75 -12.87 1.58
N LYS C 142 -14.72 -13.66 1.87
CA LYS C 142 -14.30 -14.72 0.95
C LYS C 142 -15.51 -15.52 0.47
N TYR C 143 -16.08 -16.30 1.38
CA TYR C 143 -17.21 -17.17 1.02
C TYR C 143 -18.34 -16.35 0.40
N ALA C 144 -18.56 -15.14 0.89
CA ALA C 144 -19.61 -14.27 0.35
C ALA C 144 -19.41 -13.99 -1.13
N MET C 145 -18.27 -13.41 -1.47
CA MET C 145 -17.95 -13.08 -2.84
C MET C 145 -18.16 -14.29 -3.68
N LEU C 146 -17.48 -15.37 -3.29
CA LEU C 146 -17.48 -16.53 -4.15
C LEU C 146 -18.90 -17.04 -4.27
N ALA C 147 -19.65 -16.91 -3.19
CA ALA C 147 -21.05 -17.34 -3.18
C ALA C 147 -21.83 -16.57 -4.25
N LEU C 148 -21.73 -15.24 -4.25
CA LEU C 148 -22.50 -14.45 -5.21
C LEU C 148 -22.02 -14.72 -6.64
N ASN C 149 -20.86 -15.35 -6.78
CA ASN C 149 -20.35 -15.72 -8.09
C ASN C 149 -21.27 -16.72 -8.79
N CYS C 150 -22.22 -17.29 -8.05
CA CYS C 150 -23.12 -18.31 -8.61
C CYS C 150 -24.42 -17.75 -9.20
N VAL C 151 -24.69 -16.47 -8.97
CA VAL C 151 -25.82 -15.81 -9.62
C VAL C 151 -25.32 -15.15 -10.91
N CYS C 152 -24.59 -14.04 -10.78
CA CYS C 152 -23.86 -13.43 -11.90
C CYS C 152 -22.37 -13.85 -11.96
N PRO C 153 -21.77 -13.90 -13.18
CA PRO C 153 -20.34 -14.26 -13.32
C PRO C 153 -19.38 -13.12 -13.04
N ALA C 154 -18.17 -13.46 -12.59
CA ALA C 154 -17.09 -12.48 -12.39
C ALA C 154 -17.45 -11.40 -11.37
N THR C 155 -18.24 -11.78 -10.38
CA THR C 155 -18.53 -10.88 -9.28
C THR C 155 -17.22 -10.33 -8.77
N SER C 156 -16.27 -11.23 -8.59
CA SER C 156 -15.01 -10.91 -7.97
C SER C 156 -14.29 -9.75 -8.65
N THR C 157 -13.84 -10.01 -9.87
CA THR C 157 -12.95 -9.10 -10.58
C THR C 157 -13.51 -7.66 -10.50
N LEU C 158 -14.82 -7.54 -10.68
CA LEU C 158 -15.53 -6.27 -10.56
C LEU C 158 -15.08 -5.50 -9.31
N ILE C 159 -15.42 -6.06 -8.16
CA ILE C 159 -15.12 -5.44 -6.89
C ILE C 159 -13.64 -5.14 -6.77
N THR C 160 -12.82 -6.14 -7.07
CA THR C 160 -11.37 -5.93 -6.92
C THR C 160 -10.91 -4.68 -7.64
N LEU C 161 -11.25 -4.57 -8.92
CA LEU C 161 -10.81 -3.44 -9.73
C LEU C 161 -11.40 -2.13 -9.24
N LEU C 162 -12.61 -2.19 -8.69
CA LEU C 162 -13.15 -1.01 -8.03
C LEU C 162 -12.22 -0.44 -6.96
N VAL C 163 -11.72 -1.32 -6.09
CA VAL C 163 -10.96 -0.89 -4.92
C VAL C 163 -9.51 -0.64 -5.26
N HIS C 164 -9.16 -0.74 -6.53
CA HIS C 164 -7.80 -0.45 -6.94
C HIS C 164 -7.67 0.81 -7.78
N THR C 165 -6.77 1.66 -7.33
CA THR C 165 -6.57 2.96 -7.91
C THR C 165 -5.79 2.85 -9.21
N SER C 166 -6.26 3.52 -10.25
CA SER C 166 -5.44 3.70 -11.44
C SER C 166 -5.89 4.88 -12.29
N ARG C 167 -4.98 5.34 -13.13
CA ARG C 167 -5.15 6.55 -13.92
C ARG C 167 -5.77 6.24 -15.28
N GLY C 168 -6.09 4.98 -15.51
CA GLY C 168 -6.40 4.53 -16.86
C GLY C 168 -5.09 4.47 -17.63
N GLN C 169 -3.99 4.34 -16.90
CA GLN C 169 -2.66 4.22 -17.47
C GLN C 169 -2.58 3.06 -18.46
N GLU C 170 -3.45 2.07 -18.26
CA GLU C 170 -3.30 0.79 -18.92
C GLU C 170 -4.13 0.61 -20.20
N GLY C 171 -4.95 1.60 -20.53
CA GLY C 171 -5.86 1.49 -21.66
C GLY C 171 -5.30 1.99 -22.99
N GLN C 172 -4.13 2.60 -22.94
CA GLN C 172 -3.54 3.28 -24.10
C GLN C 172 -2.55 2.42 -24.91
N GLU C 173 -2.43 1.14 -24.54
CA GLU C 173 -1.43 0.27 -25.15
C GLU C 173 -1.77 -0.12 -26.59
N SER C 174 -3.05 0.03 -26.92
CA SER C 174 -3.58 -0.21 -28.28
C SER C 174 -3.04 -1.47 -28.95
N PRO C 175 -3.00 -2.60 -28.22
CA PRO C 175 -2.69 -3.84 -28.91
C PRO C 175 -3.86 -4.30 -29.78
N GLU C 176 -5.06 -4.08 -29.27
CA GLU C 176 -6.27 -4.67 -29.83
C GLU C 176 -7.46 -3.76 -29.54
N GLN C 177 -8.66 -4.27 -29.77
CA GLN C 177 -9.88 -3.48 -29.56
C GLN C 177 -10.44 -3.60 -28.16
N TRP C 178 -10.88 -4.80 -27.80
CA TRP C 178 -11.44 -5.03 -26.48
C TRP C 178 -10.53 -4.45 -25.41
N GLN C 179 -9.31 -4.99 -25.35
CA GLN C 179 -8.37 -4.76 -24.27
C GLN C 179 -8.10 -3.29 -24.10
N ARG C 180 -8.01 -2.62 -25.25
CA ARG C 180 -7.93 -1.18 -25.29
C ARG C 180 -9.03 -0.59 -24.41
N MET C 181 -10.25 -1.10 -24.57
CA MET C 181 -11.40 -0.62 -23.80
C MET C 181 -11.43 -1.23 -22.40
N TYR C 182 -10.93 -2.45 -22.30
CA TYR C 182 -10.96 -3.20 -21.06
C TYR C 182 -10.15 -2.50 -19.99
N GLY C 183 -8.89 -2.26 -20.30
CA GLY C 183 -8.00 -1.61 -19.36
C GLY C 183 -8.39 -0.18 -19.10
N ARG C 184 -8.92 0.48 -20.13
CA ARG C 184 -9.26 1.89 -20.02
C ARG C 184 -10.11 2.12 -18.79
N CYS C 185 -11.05 1.23 -18.56
CA CYS C 185 -12.03 1.44 -17.52
C CYS C 185 -11.60 0.81 -16.21
N SER C 186 -10.38 0.30 -16.17
CA SER C 186 -9.80 -0.24 -14.94
C SER C 186 -9.63 0.82 -13.86
N GLY C 187 -8.97 1.91 -14.22
CA GLY C 187 -8.65 2.95 -13.27
C GLY C 187 -9.90 3.44 -12.57
N ASN C 188 -11.03 3.06 -13.14
CA ASN C 188 -12.31 3.42 -12.61
C ASN C 188 -12.39 3.11 -11.14
N GLU C 189 -13.10 3.96 -10.42
CA GLU C 189 -13.01 4.00 -8.96
C GLU C 189 -14.25 4.64 -8.32
N VAL C 190 -14.42 4.42 -7.02
CA VAL C 190 -15.52 5.00 -6.25
C VAL C 190 -15.07 6.27 -5.53
N TYR C 191 -15.94 7.29 -5.42
CA TYR C 191 -15.51 8.52 -4.75
C TYR C 191 -16.56 9.15 -3.81
N HIS C 192 -16.12 10.22 -3.15
CA HIS C 192 -16.86 10.87 -2.07
C HIS C 192 -17.14 12.32 -2.37
N ILE C 193 -18.39 12.64 -2.68
CA ILE C 193 -18.83 14.02 -2.64
C ILE C 193 -20.18 14.04 -2.02
N ARG C 194 -20.30 14.96 -1.09
CA ARG C 194 -21.50 15.13 -0.36
C ARG C 194 -21.76 16.60 -0.38
N MET C 195 -20.81 17.30 0.23
CA MET C 195 -21.02 18.65 0.71
C MET C 195 -21.14 19.68 -0.38
N GLY C 196 -21.80 20.77 0.01
CA GLY C 196 -22.00 21.90 -0.86
C GLY C 196 -22.50 21.43 -2.20
N ASP C 197 -21.99 22.09 -3.23
CA ASP C 197 -22.31 21.75 -4.59
C ASP C 197 -20.99 21.58 -5.32
N SER C 198 -21.06 21.00 -6.51
CA SER C 198 -19.88 20.86 -7.35
C SER C 198 -20.38 20.64 -8.77
N LYS C 199 -19.48 20.29 -9.68
CA LYS C 199 -19.87 20.09 -11.08
C LYS C 199 -21.14 19.19 -11.19
N PHE C 200 -21.20 18.11 -10.39
CA PHE C 200 -22.33 17.14 -10.41
C PHE C 200 -23.46 17.25 -9.34
N PHE C 201 -23.26 17.97 -8.25
CA PHE C 201 -24.16 17.81 -7.11
C PHE C 201 -25.48 18.56 -7.26
N MET C 202 -25.38 19.79 -7.75
CA MET C 202 -26.51 20.69 -7.80
C MET C 202 -27.57 20.29 -8.81
N GLU C 203 -27.17 19.52 -9.82
CA GLU C 203 -27.98 19.37 -11.02
C GLU C 203 -29.42 19.18 -10.63
N TYR C 204 -29.63 18.24 -9.71
CA TYR C 204 -30.93 18.07 -9.11
C TYR C 204 -30.74 18.09 -7.61
N GLU C 205 -31.25 19.15 -6.99
CA GLU C 205 -31.41 19.16 -5.56
C GLU C 205 -32.74 18.54 -5.16
N GLY C 206 -33.79 18.90 -5.90
CA GLY C 206 -35.15 18.60 -5.48
C GLY C 206 -35.81 17.38 -6.07
N LYS C 207 -35.29 16.87 -7.19
CA LYS C 207 -35.88 15.69 -7.82
C LYS C 207 -35.42 14.45 -7.07
N SER C 208 -35.91 13.31 -7.53
CA SER C 208 -35.72 12.06 -6.81
C SER C 208 -34.26 11.59 -6.91
N PHE C 209 -34.00 10.49 -6.22
CA PHE C 209 -32.74 9.79 -6.29
C PHE C 209 -32.44 9.33 -7.72
N THR C 210 -33.45 8.75 -8.36
CA THR C 210 -33.35 8.24 -9.70
C THR C 210 -32.88 9.31 -10.71
N TYR C 211 -33.67 10.37 -10.91
CA TYR C 211 -33.43 11.33 -12.01
C TYR C 211 -31.98 11.83 -12.00
N ALA C 212 -31.31 11.71 -10.86
CA ALA C 212 -29.90 12.09 -10.73
C ALA C 212 -28.99 11.27 -11.63
N ALA C 213 -29.06 9.96 -11.51
CA ALA C 213 -28.16 9.09 -12.24
C ALA C 213 -28.48 9.06 -13.75
N PHE C 214 -29.59 9.66 -14.15
CA PHE C 214 -29.95 9.74 -15.58
C PHE C 214 -28.98 10.68 -16.28
N HIS C 215 -29.09 11.94 -15.90
CA HIS C 215 -28.46 13.06 -16.57
C HIS C 215 -27.04 13.31 -16.04
N ALA C 216 -26.60 12.42 -15.14
CA ALA C 216 -25.20 12.35 -14.73
C ALA C 216 -24.40 11.64 -15.80
N HIS C 217 -25.06 10.70 -16.47
CA HIS C 217 -24.45 9.97 -17.58
C HIS C 217 -24.40 10.82 -18.85
N LYS C 218 -25.25 11.83 -18.92
CA LYS C 218 -25.33 12.69 -20.11
C LYS C 218 -24.17 13.68 -20.20
N LYS C 219 -23.94 14.43 -19.13
CA LYS C 219 -22.87 15.42 -19.10
C LYS C 219 -21.51 14.75 -18.87
N TYR C 220 -21.39 14.11 -17.71
CA TYR C 220 -20.12 13.59 -17.20
C TYR C 220 -19.94 12.08 -17.50
N GLY C 221 -20.90 11.26 -17.10
CA GLY C 221 -20.73 9.82 -17.15
C GLY C 221 -20.54 9.25 -15.76
N VAL C 222 -20.85 10.07 -14.77
CA VAL C 222 -20.87 9.64 -13.38
C VAL C 222 -22.21 8.96 -13.08
N CYS C 223 -22.17 7.92 -12.25
CA CYS C 223 -23.39 7.30 -11.74
C CYS C 223 -23.33 7.06 -10.25
N LEU C 224 -24.21 7.74 -9.52
CA LEU C 224 -24.23 7.66 -8.07
C LEU C 224 -24.74 6.32 -7.57
N ILE C 225 -24.49 6.04 -6.29
CA ILE C 225 -24.94 4.79 -5.66
C ILE C 225 -25.93 4.99 -4.52
N GLY C 226 -25.49 5.62 -3.44
CA GLY C 226 -26.33 5.76 -2.27
C GLY C 226 -26.09 6.99 -1.42
N ILE C 227 -27.12 7.36 -0.66
CA ILE C 227 -27.11 8.59 0.11
C ILE C 227 -27.21 8.27 1.60
N ARG C 228 -26.18 8.67 2.34
CA ARG C 228 -26.25 8.68 3.79
C ARG C 228 -27.02 9.91 4.26
N ARG C 229 -28.12 9.67 4.95
CA ARG C 229 -28.80 10.77 5.62
C ARG C 229 -27.81 11.30 6.63
N GLU C 230 -27.89 12.59 6.90
CA GLU C 230 -27.04 13.21 7.89
C GLU C 230 -27.40 12.78 9.32
N GLU C 231 -28.48 12.01 9.45
CA GLU C 231 -29.07 11.69 10.75
C GLU C 231 -28.28 10.63 11.53
N ASN C 232 -28.41 9.37 11.09
CA ASN C 232 -27.83 8.19 11.75
C ASN C 232 -26.48 7.79 11.10
N LYS C 233 -26.09 8.50 10.04
CA LYS C 233 -24.86 8.17 9.30
C LYS C 233 -24.93 6.73 8.74
N SER C 234 -26.14 6.25 8.45
CA SER C 234 -26.32 4.94 7.84
C SER C 234 -26.18 5.04 6.33
N ILE C 235 -25.48 4.09 5.74
CA ILE C 235 -25.28 4.09 4.29
C ILE C 235 -26.40 3.32 3.61
N LEU C 236 -26.82 3.81 2.46
CA LEU C 236 -27.89 3.19 1.70
C LEU C 236 -27.37 2.79 0.34
N LEU C 237 -27.94 1.71 -0.19
CA LEU C 237 -27.65 1.32 -1.55
C LEU C 237 -28.91 1.49 -2.35
N ASN C 238 -28.84 2.32 -3.37
CA ASN C 238 -29.96 2.50 -4.27
C ASN C 238 -31.22 2.80 -3.46
N PRO C 239 -31.21 3.93 -2.73
CA PRO C 239 -32.49 4.29 -2.09
C PRO C 239 -33.60 4.27 -3.12
N GLY C 240 -34.82 3.91 -2.71
CA GLY C 240 -35.87 3.65 -3.66
C GLY C 240 -36.18 4.90 -4.45
N PRO C 241 -37.12 4.81 -5.40
CA PRO C 241 -37.50 5.98 -6.20
C PRO C 241 -38.19 7.06 -5.36
N ARG C 242 -38.65 6.71 -4.15
CA ARG C 242 -39.34 7.64 -3.25
C ARG C 242 -38.38 8.63 -2.58
N HIS C 243 -37.15 8.19 -2.28
CA HIS C 243 -36.16 9.05 -1.61
C HIS C 243 -35.80 10.29 -2.43
N ILE C 244 -35.43 11.36 -1.74
CA ILE C 244 -35.14 12.63 -2.38
C ILE C 244 -33.77 13.10 -1.93
N MET C 245 -33.22 14.08 -2.64
CA MET C 245 -31.92 14.64 -2.29
C MET C 245 -32.05 16.04 -1.77
N ALA C 246 -31.06 16.45 -1.00
CA ALA C 246 -30.99 17.80 -0.48
C ALA C 246 -29.71 18.46 -0.98
N ALA C 247 -29.47 19.68 -0.50
CA ALA C 247 -28.23 20.39 -0.77
C ALA C 247 -27.11 19.80 0.08
N SER C 248 -27.43 19.51 1.34
CA SER C 248 -26.52 18.74 2.18
C SER C 248 -27.10 17.34 2.38
N ASP C 249 -26.57 16.41 1.62
CA ASP C 249 -26.84 14.98 1.73
C ASP C 249 -25.69 14.30 1.00
N THR C 250 -25.45 13.03 1.29
CA THR C 250 -24.25 12.33 0.82
C THR C 250 -24.39 11.74 -0.61
N CYS C 251 -23.44 12.02 -1.51
CA CYS C 251 -23.47 11.35 -2.83
C CYS C 251 -22.30 10.36 -2.85
N PHE C 252 -22.61 9.09 -3.09
CA PHE C 252 -21.56 8.15 -3.45
C PHE C 252 -21.76 7.77 -4.89
N TYR C 253 -20.64 7.75 -5.61
CA TYR C 253 -20.70 7.64 -7.04
C TYR C 253 -19.42 7.05 -7.57
N ILE C 254 -19.51 6.55 -8.78
CA ILE C 254 -18.36 5.97 -9.44
C ILE C 254 -17.96 6.83 -10.62
N ASN C 255 -16.66 6.90 -10.87
CA ASN C 255 -16.16 7.59 -12.05
C ASN C 255 -14.72 7.16 -12.28
N ILE C 256 -14.13 7.63 -13.37
CA ILE C 256 -12.74 7.31 -13.65
C ILE C 256 -11.84 8.28 -12.86
N THR C 257 -12.37 9.47 -12.58
CA THR C 257 -11.64 10.48 -11.84
C THR C 257 -12.57 11.27 -10.91
N LYS C 258 -12.01 11.73 -9.81
CA LYS C 258 -12.75 12.48 -8.79
C LYS C 258 -13.39 13.74 -9.39
N GLU C 259 -14.52 14.15 -8.83
CA GLU C 259 -15.29 15.27 -9.37
C GLU C 259 -14.53 16.59 -9.39
N GLU C 260 -13.67 16.76 -8.39
CA GLU C 260 -12.90 17.99 -8.22
C GLU C 260 -11.86 18.16 -9.35
N ASN C 261 -11.16 17.08 -9.69
CA ASN C 261 -9.99 17.12 -10.58
C ASN C 261 -10.29 17.40 -12.10
N SER C 262 -11.42 16.97 -12.65
CA SER C 262 -11.71 17.12 -14.10
C SER C 262 -11.96 18.56 -14.54
N TYR C 419 -30.98 -40.33 -4.87
CA TYR C 419 -31.63 -39.03 -4.83
C TYR C 419 -31.24 -38.22 -6.04
N GLY C 420 -32.22 -37.98 -6.91
CA GLY C 420 -32.07 -37.12 -8.07
C GLY C 420 -32.76 -35.79 -7.86
N PHE C 421 -32.56 -34.81 -8.76
CA PHE C 421 -32.91 -33.39 -8.50
C PHE C 421 -33.44 -32.64 -9.73
N LYS C 422 -33.64 -31.32 -9.62
CA LYS C 422 -34.19 -30.52 -10.74
C LYS C 422 -33.22 -29.55 -11.43
N ASN C 423 -32.99 -28.40 -10.78
CA ASN C 423 -32.27 -27.31 -11.42
C ASN C 423 -30.79 -27.59 -11.48
N LYS C 424 -30.01 -26.62 -11.96
CA LYS C 424 -28.57 -26.76 -11.92
C LYS C 424 -28.11 -26.83 -10.47
N LEU C 425 -27.06 -27.61 -10.24
CA LEU C 425 -26.54 -27.84 -8.91
C LEU C 425 -25.15 -27.29 -8.78
N ILE C 426 -24.76 -26.98 -7.56
CA ILE C 426 -23.43 -26.50 -7.34
C ILE C 426 -22.80 -27.26 -6.18
N ILE C 427 -21.50 -27.40 -6.31
CA ILE C 427 -20.74 -28.29 -5.49
C ILE C 427 -19.59 -27.54 -4.85
N VAL C 428 -19.50 -27.63 -3.52
CA VAL C 428 -18.44 -26.93 -2.81
C VAL C 428 -17.47 -27.84 -2.09
N SER C 429 -16.19 -27.54 -2.24
CA SER C 429 -15.18 -28.17 -1.42
C SER C 429 -14.39 -27.20 -0.57
N ALA C 430 -14.05 -27.66 0.61
CA ALA C 430 -13.24 -26.90 1.55
C ALA C 430 -12.55 -27.86 2.51
N GLU C 431 -11.56 -27.35 3.23
CA GLU C 431 -10.80 -28.19 4.15
C GLU C 431 -11.74 -28.48 5.33
N THR C 432 -12.12 -27.47 6.11
CA THR C 432 -12.98 -27.69 7.26
C THR C 432 -14.21 -26.80 7.20
N ALA C 433 -15.31 -27.32 7.72
CA ALA C 433 -16.49 -26.50 7.94
C ALA C 433 -16.22 -25.57 9.10
N GLY C 434 -16.91 -24.44 9.15
CA GLY C 434 -16.77 -23.51 10.25
C GLY C 434 -17.90 -22.52 10.22
N ASN C 435 -17.93 -21.55 11.14
CA ASN C 435 -18.96 -20.50 11.09
C ASN C 435 -18.74 -19.81 9.70
N GLY C 436 -17.65 -20.13 8.98
CA GLY C 436 -17.43 -19.63 7.62
C GLY C 436 -18.54 -19.85 6.60
N LEU C 437 -19.00 -21.09 6.48
CA LEU C 437 -19.90 -21.41 5.39
C LEU C 437 -21.34 -21.03 5.68
N TYR C 438 -21.69 -20.87 6.97
CA TYR C 438 -23.02 -20.39 7.41
C TYR C 438 -23.29 -19.18 6.54
N ASN C 439 -22.25 -18.38 6.34
CA ASN C 439 -22.36 -17.15 5.61
C ASN C 439 -22.06 -17.36 4.14
N PHE C 440 -21.52 -18.51 3.81
CA PHE C 440 -21.42 -18.84 2.42
C PHE C 440 -22.82 -18.88 1.86
N ILE C 441 -23.71 -19.49 2.62
CA ILE C 441 -25.00 -19.88 2.08
C ILE C 441 -26.05 -18.77 2.14
N VAL C 442 -25.81 -17.74 2.95
CA VAL C 442 -26.82 -16.70 3.14
C VAL C 442 -27.34 -16.17 1.81
N PRO C 443 -26.45 -15.67 0.96
CA PRO C 443 -26.92 -14.97 -0.25
C PRO C 443 -27.62 -15.89 -1.25
N LEU C 444 -27.32 -17.18 -1.17
CA LEU C 444 -27.89 -18.15 -2.10
C LEU C 444 -29.40 -18.14 -2.03
N ARG C 445 -29.97 -18.62 -0.91
CA ARG C 445 -31.41 -18.46 -0.72
C ARG C 445 -31.68 -17.46 0.40
N ALA C 446 -31.99 -16.27 -0.05
CA ALA C 446 -32.26 -15.13 0.79
C ALA C 446 -33.75 -14.96 0.91
N TYR C 447 -34.15 -13.78 1.36
CA TYR C 447 -35.52 -13.36 1.17
C TYR C 447 -35.80 -12.99 -0.30
N TYR C 448 -35.15 -11.94 -0.83
CA TYR C 448 -35.47 -11.39 -2.17
C TYR C 448 -35.48 -12.43 -3.27
N ARG C 449 -34.71 -13.49 -3.07
CA ARG C 449 -34.57 -14.56 -4.07
C ARG C 449 -35.82 -15.45 -4.13
N SER C 450 -36.21 -15.84 -5.35
CA SER C 450 -37.45 -16.61 -5.54
C SER C 450 -37.28 -18.07 -5.14
N ARG C 451 -38.38 -18.84 -5.10
CA ARG C 451 -38.31 -20.26 -4.77
C ARG C 451 -38.34 -21.12 -6.04
N LYS C 452 -38.34 -20.47 -7.21
CA LYS C 452 -38.25 -21.15 -8.49
C LYS C 452 -36.79 -21.46 -8.81
N GLU C 453 -35.97 -20.42 -8.82
CA GLU C 453 -34.60 -20.51 -9.33
C GLU C 453 -33.52 -21.02 -8.35
N LEU C 454 -33.90 -21.49 -7.16
CA LEU C 454 -32.91 -21.95 -6.15
C LEU C 454 -31.92 -22.97 -6.70
N ASN C 455 -30.71 -22.96 -6.17
CA ASN C 455 -29.68 -23.87 -6.62
C ASN C 455 -29.22 -24.76 -5.50
N PRO C 456 -29.89 -25.91 -5.35
CA PRO C 456 -29.53 -26.80 -4.25
C PRO C 456 -28.03 -27.03 -4.27
N ILE C 457 -27.45 -27.10 -3.08
CA ILE C 457 -26.00 -27.09 -2.96
C ILE C 457 -25.44 -28.24 -2.16
N VAL C 458 -24.39 -28.85 -2.70
CA VAL C 458 -23.80 -30.01 -2.07
C VAL C 458 -22.50 -29.67 -1.37
N LEU C 459 -22.38 -30.13 -0.12
CA LEU C 459 -21.13 -29.91 0.59
C LEU C 459 -20.24 -31.14 0.65
N LEU C 460 -19.05 -30.93 0.07
CA LEU C 460 -18.00 -31.91 0.01
C LEU C 460 -16.81 -31.43 0.80
N LEU C 461 -16.55 -32.08 1.93
CA LEU C 461 -15.38 -31.74 2.72
C LEU C 461 -14.48 -32.93 2.91
N ASP C 462 -13.30 -32.66 3.47
CA ASP C 462 -12.35 -33.72 3.82
C ASP C 462 -12.76 -34.37 5.15
N ASN C 463 -12.98 -33.50 6.13
CA ASN C 463 -13.27 -33.91 7.49
C ASN C 463 -14.77 -33.89 7.72
N LYS C 464 -15.25 -34.86 8.48
CA LYS C 464 -16.68 -34.99 8.71
C LYS C 464 -17.25 -33.67 9.19
N PRO C 465 -18.45 -33.32 8.72
CA PRO C 465 -19.06 -32.09 9.24
C PRO C 465 -19.10 -32.10 10.76
N GLU C 466 -18.63 -31.03 11.39
CA GLU C 466 -18.65 -30.88 12.85
C GLU C 466 -20.07 -30.71 13.36
N HIS C 467 -20.23 -30.91 14.67
CA HIS C 467 -21.56 -30.85 15.26
C HIS C 467 -22.29 -29.52 14.98
N HIS C 468 -21.69 -28.39 15.34
CA HIS C 468 -22.36 -27.07 15.24
C HIS C 468 -22.91 -26.75 13.85
N PHE C 469 -22.15 -27.13 12.84
CA PHE C 469 -22.56 -26.95 11.46
C PHE C 469 -23.97 -27.48 11.22
N LEU C 470 -24.27 -28.65 11.79
CA LEU C 470 -25.58 -29.31 11.64
C LEU C 470 -26.74 -28.47 12.22
N GLU C 471 -26.62 -28.05 13.47
CA GLU C 471 -27.66 -27.19 14.09
C GLU C 471 -27.76 -25.89 13.29
N ALA C 472 -26.62 -25.41 12.79
CA ALA C 472 -26.57 -24.16 12.04
C ALA C 472 -27.27 -24.21 10.69
N ILE C 473 -27.04 -25.26 9.90
CA ILE C 473 -27.58 -25.33 8.54
C ILE C 473 -29.00 -25.98 8.39
N CYS C 474 -29.52 -26.64 9.44
CA CYS C 474 -30.78 -27.42 9.32
C CYS C 474 -32.01 -26.54 9.02
N CYS C 475 -31.88 -25.23 9.26
CA CYS C 475 -32.92 -24.24 8.95
C CYS C 475 -33.31 -24.29 7.45
N PHE C 476 -32.35 -23.98 6.59
CA PHE C 476 -32.57 -23.82 5.16
C PHE C 476 -33.21 -25.03 4.51
N PRO C 477 -33.87 -24.83 3.37
CA PRO C 477 -34.05 -26.06 2.58
C PRO C 477 -32.83 -26.33 1.65
N MET C 478 -32.80 -27.51 1.01
CA MET C 478 -31.88 -27.86 -0.09
C MET C 478 -30.34 -27.87 0.07
N VAL C 479 -29.80 -28.82 0.84
CA VAL C 479 -28.37 -29.14 0.81
C VAL C 479 -28.15 -30.57 1.27
N TYR C 480 -26.98 -31.12 0.99
CA TYR C 480 -26.61 -32.42 1.53
C TYR C 480 -25.14 -32.59 1.81
N TYR C 481 -24.87 -33.76 2.37
CA TYR C 481 -23.54 -34.22 2.64
C TYR C 481 -23.04 -35.21 1.66
N MET C 482 -21.84 -34.93 1.15
CA MET C 482 -21.03 -35.99 0.55
C MET C 482 -19.58 -35.68 0.91
N GLU C 483 -18.73 -36.71 0.92
CA GLU C 483 -17.38 -36.59 1.48
C GLU C 483 -16.30 -37.07 0.51
N GLY C 484 -15.05 -36.68 0.78
CA GLY C 484 -13.93 -36.88 -0.13
C GLY C 484 -13.48 -35.56 -0.77
N THR C 485 -12.22 -35.50 -1.19
CA THR C 485 -11.66 -34.29 -1.81
C THR C 485 -11.99 -34.27 -3.30
N ILE C 486 -11.36 -33.35 -4.03
CA ILE C 486 -11.46 -33.43 -5.48
C ILE C 486 -10.19 -34.07 -5.96
N ASP C 487 -10.26 -35.39 -6.11
CA ASP C 487 -9.20 -36.17 -6.72
C ASP C 487 -9.93 -37.20 -7.57
N ASN C 488 -10.63 -38.08 -6.86
CA ASN C 488 -11.35 -39.19 -7.45
C ASN C 488 -12.39 -38.69 -8.44
N LEU C 489 -12.37 -39.23 -9.65
CA LEU C 489 -13.45 -39.04 -10.60
C LEU C 489 -14.76 -39.46 -9.90
N ASP C 490 -14.68 -40.59 -9.22
CA ASP C 490 -15.84 -41.23 -8.60
C ASP C 490 -16.45 -40.34 -7.48
N SER C 491 -15.60 -39.86 -6.57
CA SER C 491 -16.03 -38.98 -5.46
C SER C 491 -16.82 -37.77 -5.97
N LEU C 492 -16.47 -37.31 -7.16
CA LEU C 492 -17.19 -36.23 -7.84
C LEU C 492 -18.44 -36.70 -8.59
N LEU C 493 -18.36 -37.86 -9.24
CA LEU C 493 -19.51 -38.40 -9.98
C LEU C 493 -20.72 -38.75 -9.07
N GLN C 494 -20.48 -39.31 -7.88
CA GLN C 494 -21.59 -39.69 -6.97
C GLN C 494 -22.60 -38.54 -6.80
N CYS C 495 -22.07 -37.32 -6.87
CA CYS C 495 -22.80 -36.09 -6.60
C CYS C 495 -23.63 -35.64 -7.79
N GLY C 496 -23.20 -36.05 -8.99
CA GLY C 496 -23.70 -35.47 -10.22
C GLY C 496 -23.09 -34.14 -10.68
N ILE C 497 -21.76 -34.08 -10.75
CA ILE C 497 -21.08 -32.93 -11.37
C ILE C 497 -21.55 -32.71 -12.81
N ILE C 498 -22.03 -33.77 -13.45
CA ILE C 498 -22.54 -33.70 -14.81
C ILE C 498 -23.85 -32.91 -14.89
N TYR C 499 -24.83 -33.32 -14.08
CA TYR C 499 -26.11 -32.62 -13.95
C TYR C 499 -25.85 -31.17 -13.52
N ALA C 500 -24.82 -31.00 -12.70
CA ALA C 500 -24.54 -29.73 -12.01
C ALA C 500 -24.04 -28.68 -12.99
N ASP C 501 -23.73 -27.50 -12.47
CA ASP C 501 -23.21 -26.40 -13.28
C ASP C 501 -21.86 -25.84 -12.81
N ASN C 502 -21.88 -25.03 -11.76
CA ASN C 502 -20.69 -24.27 -11.35
C ASN C 502 -19.89 -25.01 -10.28
N LEU C 503 -18.57 -24.99 -10.43
CA LEU C 503 -17.71 -25.64 -9.44
C LEU C 503 -17.03 -24.72 -8.42
N VAL C 504 -17.21 -25.02 -7.13
CA VAL C 504 -16.57 -24.23 -6.09
C VAL C 504 -15.56 -24.98 -5.25
N VAL C 505 -14.34 -24.46 -5.24
CA VAL C 505 -13.28 -25.06 -4.45
C VAL C 505 -12.52 -24.01 -3.66
N VAL C 506 -12.43 -24.22 -2.35
CA VAL C 506 -11.58 -23.39 -1.53
C VAL C 506 -10.72 -24.26 -0.63
N ASP C 507 -9.43 -24.30 -0.91
CA ASP C 507 -8.58 -25.25 -0.22
C ASP C 507 -7.23 -24.64 0.05
N LYS C 508 -6.34 -25.46 0.60
CA LYS C 508 -5.02 -25.03 0.96
C LYS C 508 -4.22 -26.17 1.64
N GLU C 509 -2.89 -26.02 1.70
CA GLU C 509 -1.98 -26.95 2.42
C GLU C 509 -1.01 -26.23 3.40
N SER C 510 -0.89 -26.77 4.62
CA SER C 510 -0.05 -26.19 5.67
C SER C 510 1.38 -26.73 5.67
N GLU C 515 9.57 -23.90 2.85
CA GLU C 515 10.47 -23.69 1.71
C GLU C 515 10.09 -22.43 0.95
N GLU C 516 9.96 -22.57 -0.38
CA GLU C 516 9.55 -21.48 -1.27
C GLU C 516 8.13 -21.06 -0.94
N ASP C 517 7.73 -19.90 -1.43
CA ASP C 517 6.49 -19.25 -0.99
C ASP C 517 5.28 -19.44 -1.94
N TYR C 518 5.30 -18.84 -3.12
CA TYR C 518 4.15 -18.93 -4.03
C TYR C 518 3.72 -20.40 -4.19
N MET C 519 4.73 -21.26 -4.12
CA MET C 519 4.58 -22.69 -4.34
C MET C 519 3.43 -23.33 -3.57
N ALA C 520 3.23 -22.89 -2.33
CA ALA C 520 2.27 -23.56 -1.45
C ALA C 520 0.87 -23.49 -2.05
N ASP C 521 0.68 -22.71 -3.13
CA ASP C 521 -0.64 -22.67 -3.79
C ASP C 521 -0.83 -23.80 -4.80
N ALA C 522 0.16 -24.65 -4.96
CA ALA C 522 0.16 -25.66 -6.02
C ALA C 522 -0.96 -26.67 -5.88
N LYS C 523 -1.07 -27.24 -4.68
CA LYS C 523 -1.88 -28.43 -4.45
C LYS C 523 -3.22 -28.30 -5.13
N THR C 524 -3.72 -27.08 -5.17
CA THR C 524 -5.00 -26.80 -5.81
C THR C 524 -4.91 -26.60 -7.33
N ILE C 525 -3.90 -25.89 -7.81
CA ILE C 525 -3.84 -25.54 -9.22
C ILE C 525 -4.10 -26.79 -10.01
N VAL C 526 -3.34 -27.79 -9.62
CA VAL C 526 -3.32 -29.07 -10.27
C VAL C 526 -4.70 -29.70 -10.30
N ASN C 527 -5.22 -30.06 -9.14
CA ASN C 527 -6.47 -30.79 -9.07
C ASN C 527 -7.46 -30.16 -10.02
N VAL C 528 -7.44 -28.84 -10.05
CA VAL C 528 -8.34 -28.10 -10.88
C VAL C 528 -8.09 -28.37 -12.37
N GLN C 529 -6.84 -28.21 -12.78
CA GLN C 529 -6.51 -28.12 -14.21
C GLN C 529 -7.13 -29.26 -15.00
N THR C 530 -7.04 -30.46 -14.43
CA THR C 530 -7.59 -31.64 -15.06
C THR C 530 -8.98 -31.34 -15.57
N MET C 531 -9.76 -30.72 -14.70
CA MET C 531 -11.17 -30.48 -14.95
C MET C 531 -11.37 -29.62 -16.20
N PHE C 532 -10.41 -28.75 -16.47
CA PHE C 532 -10.52 -27.87 -17.62
C PHE C 532 -10.68 -28.75 -18.85
N ARG C 533 -9.89 -29.82 -18.89
CA ARG C 533 -9.85 -30.73 -20.04
C ARG C 533 -10.95 -31.80 -20.06
N LEU C 534 -11.47 -32.16 -18.89
CA LEU C 534 -12.50 -33.19 -18.80
C LEU C 534 -13.86 -32.66 -19.23
N PHE C 535 -14.08 -31.37 -19.03
CA PHE C 535 -15.38 -30.76 -19.29
C PHE C 535 -15.26 -29.36 -19.90
N PRO C 536 -15.09 -29.26 -21.23
CA PRO C 536 -14.94 -27.98 -21.96
C PRO C 536 -16.19 -27.10 -21.94
N SER C 537 -17.31 -27.72 -21.58
CA SER C 537 -18.61 -27.06 -21.44
C SER C 537 -18.82 -26.55 -20.01
N LEU C 538 -17.78 -26.68 -19.17
CA LEU C 538 -17.91 -26.46 -17.74
C LEU C 538 -17.29 -25.15 -17.24
N SER C 539 -17.88 -24.59 -16.18
CA SER C 539 -17.37 -23.37 -15.53
C SER C 539 -17.07 -23.56 -14.02
N ILE C 540 -15.92 -23.04 -13.61
CA ILE C 540 -15.38 -23.34 -12.30
C ILE C 540 -14.83 -22.06 -11.67
N ILE C 541 -14.66 -22.05 -10.35
CA ILE C 541 -13.98 -20.94 -9.69
C ILE C 541 -13.00 -21.40 -8.62
N THR C 542 -12.10 -20.51 -8.23
CA THR C 542 -10.87 -20.90 -7.53
C THR C 542 -10.29 -19.88 -6.56
N GLU C 543 -9.56 -20.34 -5.53
CA GLU C 543 -8.87 -19.40 -4.64
C GLU C 543 -7.41 -19.70 -4.26
N LEU C 544 -6.54 -18.82 -4.73
CA LEU C 544 -5.12 -18.83 -4.41
C LEU C 544 -4.81 -17.89 -3.25
N THR C 545 -3.53 -17.60 -3.08
CA THR C 545 -3.09 -16.47 -2.27
C THR C 545 -2.26 -15.52 -3.14
N HIS C 546 -1.16 -15.98 -3.70
CA HIS C 546 -0.21 -15.08 -4.33
C HIS C 546 -0.68 -14.53 -5.67
N PRO C 547 -0.95 -13.20 -5.73
CA PRO C 547 -1.48 -12.51 -6.91
C PRO C 547 -0.43 -12.30 -7.97
N SER C 548 0.23 -13.40 -8.28
CA SER C 548 1.30 -13.45 -9.25
C SER C 548 0.93 -14.63 -10.12
N ASN C 549 0.69 -15.73 -9.43
CA ASN C 549 0.39 -17.01 -10.02
C ASN C 549 -0.89 -17.11 -10.87
N MET C 550 -1.69 -16.06 -10.89
CA MET C 550 -3.04 -16.13 -11.46
C MET C 550 -3.11 -16.80 -12.82
N ARG C 551 -2.38 -16.24 -13.77
CA ARG C 551 -2.50 -16.63 -15.16
C ARG C 551 -2.00 -18.04 -15.39
N PHE C 552 -1.47 -18.66 -14.34
CA PHE C 552 -0.82 -19.95 -14.50
C PHE C 552 -1.91 -21.00 -14.53
N MET C 553 -3.16 -20.53 -14.62
CA MET C 553 -4.33 -21.33 -14.45
C MET C 553 -4.79 -22.19 -15.61
N GLN C 554 -5.50 -21.59 -16.55
CA GLN C 554 -6.09 -22.34 -17.62
C GLN C 554 -5.30 -22.02 -18.84
N PHE C 555 -4.51 -22.98 -19.24
CA PHE C 555 -3.52 -22.71 -20.24
C PHE C 555 -3.58 -23.81 -21.24
N ARG C 556 -3.38 -23.44 -22.48
CA ARG C 556 -3.50 -24.38 -23.57
C ARG C 556 -2.14 -24.46 -24.29
N ALA C 557 -1.87 -25.58 -24.96
CA ALA C 557 -0.59 -25.77 -25.63
C ALA C 557 -0.30 -24.58 -26.54
N LYS C 558 -1.27 -24.25 -27.38
CA LYS C 558 -1.20 -23.10 -28.27
C LYS C 558 -2.39 -22.15 -28.14
N ASP C 559 -2.10 -20.92 -27.72
CA ASP C 559 -3.04 -19.81 -27.81
C ASP C 559 -2.26 -18.54 -28.16
N SER C 560 -2.76 -17.77 -29.10
CA SER C 560 -2.10 -16.53 -29.47
C SER C 560 -2.39 -15.46 -28.43
N TYR C 561 -3.67 -15.29 -28.08
CA TYR C 561 -4.05 -14.32 -27.06
C TYR C 561 -3.34 -14.66 -25.75
N SER C 562 -3.62 -15.88 -25.26
CA SER C 562 -3.24 -16.32 -23.92
C SER C 562 -1.74 -16.24 -23.68
N LEU C 563 -0.96 -16.60 -24.70
CA LEU C 563 0.48 -16.48 -24.60
C LEU C 563 0.92 -15.03 -24.83
N ALA C 564 0.37 -14.37 -25.86
CA ALA C 564 0.78 -12.99 -26.18
C ALA C 564 0.41 -12.01 -25.09
N LEU C 565 -0.41 -12.42 -24.14
CA LEU C 565 -0.65 -11.61 -22.93
C LEU C 565 0.62 -11.34 -22.10
N SER C 566 1.53 -12.30 -22.06
CA SER C 566 2.77 -12.19 -21.28
C SER C 566 3.46 -10.83 -21.52
N LYS C 567 3.86 -10.61 -22.77
CA LYS C 567 4.52 -9.38 -23.16
C LYS C 567 3.74 -8.13 -22.70
N LEU C 568 2.40 -8.18 -22.81
CA LEU C 568 1.54 -7.04 -22.41
C LEU C 568 1.62 -6.76 -20.89
N GLU C 569 1.50 -7.82 -20.09
CA GLU C 569 1.66 -7.65 -18.63
C GLU C 569 3.05 -7.14 -18.21
N LYS C 570 4.13 -7.68 -18.79
CA LYS C 570 5.45 -7.12 -18.52
C LYS C 570 5.43 -5.61 -18.86
N LYS C 571 4.97 -5.31 -20.09
CA LYS C 571 4.92 -3.93 -20.60
C LYS C 571 4.11 -2.99 -19.69
N GLU C 572 3.15 -3.53 -18.94
CA GLU C 572 2.61 -2.76 -17.81
C GLU C 572 3.51 -2.69 -16.57
N ARG C 573 4.01 -3.82 -16.06
CA ARG C 573 4.76 -3.80 -14.79
C ARG C 573 6.01 -2.92 -14.82
N GLU C 574 6.59 -2.73 -16.00
CA GLU C 574 7.79 -1.88 -16.15
C GLU C 574 7.56 -0.32 -16.16
N ASN C 575 6.42 0.16 -16.67
CA ASN C 575 6.12 1.62 -16.72
C ASN C 575 5.86 2.13 -15.29
N GLY C 576 4.75 1.67 -14.69
CA GLY C 576 4.55 1.76 -13.25
C GLY C 576 3.63 0.62 -12.83
N SER C 577 3.79 0.13 -11.60
CA SER C 577 3.17 -1.14 -11.18
C SER C 577 2.11 -0.97 -10.08
N ASN C 578 0.85 -1.11 -10.47
CA ASN C 578 -0.27 -1.08 -9.53
C ASN C 578 -0.97 -2.41 -9.72
N LEU C 579 -1.65 -2.52 -10.85
CA LEU C 579 -2.23 -3.78 -11.29
C LEU C 579 -1.47 -4.31 -12.47
N ALA C 580 -0.64 -5.31 -12.22
CA ALA C 580 -0.01 -6.01 -13.31
C ALA C 580 -0.91 -7.15 -13.74
N PHE C 581 -1.85 -7.48 -12.87
CA PHE C 581 -2.50 -8.77 -12.96
C PHE C 581 -3.86 -8.73 -13.64
N MET C 582 -4.22 -7.58 -14.19
CA MET C 582 -5.54 -7.47 -14.75
C MET C 582 -5.69 -8.29 -16.04
N PHE C 583 -4.91 -7.95 -17.06
CA PHE C 583 -5.16 -8.42 -18.44
C PHE C 583 -5.37 -9.92 -18.60
N ARG C 584 -4.78 -10.71 -17.72
CA ARG C 584 -4.71 -12.16 -17.88
C ARG C 584 -6.06 -12.82 -18.11
N LEU C 585 -6.11 -13.82 -18.98
CA LEU C 585 -7.38 -14.36 -19.46
C LEU C 585 -8.31 -14.80 -18.34
N PRO C 586 -7.89 -15.79 -17.53
CA PRO C 586 -8.88 -16.35 -16.62
C PRO C 586 -9.30 -15.34 -15.56
N PHE C 587 -8.40 -14.45 -15.21
CA PHE C 587 -8.68 -13.47 -14.18
C PHE C 587 -9.88 -12.62 -14.57
N ALA C 588 -9.85 -12.08 -15.78
CA ALA C 588 -10.95 -11.26 -16.26
C ALA C 588 -12.21 -12.09 -16.46
N ALA C 589 -12.06 -13.41 -16.36
CA ALA C 589 -13.20 -14.30 -16.52
C ALA C 589 -13.88 -14.56 -15.20
N GLY C 590 -13.24 -14.14 -14.13
CA GLY C 590 -13.81 -14.37 -12.82
C GLY C 590 -13.62 -15.80 -12.35
N ARG C 591 -13.09 -16.64 -13.22
CA ARG C 591 -12.80 -18.00 -12.83
C ARG C 591 -11.71 -17.97 -11.73
N VAL C 592 -11.00 -16.85 -11.63
CA VAL C 592 -9.92 -16.68 -10.67
C VAL C 592 -10.18 -15.52 -9.72
N PHE C 593 -9.79 -15.70 -8.46
CA PHE C 593 -9.77 -14.59 -7.49
C PHE C 593 -8.82 -14.94 -6.34
N SER C 594 -8.37 -13.94 -5.58
CA SER C 594 -7.41 -14.17 -4.48
C SER C 594 -7.71 -13.39 -3.19
N ILE C 595 -7.03 -13.78 -2.12
CA ILE C 595 -7.27 -13.23 -0.78
C ILE C 595 -6.72 -11.81 -0.62
N SER C 596 -5.40 -11.66 -0.70
CA SER C 596 -4.73 -10.39 -0.42
C SER C 596 -5.10 -9.29 -1.42
N MET C 597 -5.90 -9.63 -2.42
CA MET C 597 -6.37 -8.62 -3.37
C MET C 597 -7.39 -7.66 -2.73
N LEU C 598 -8.22 -8.17 -1.83
CA LEU C 598 -9.14 -7.28 -1.11
C LEU C 598 -8.42 -6.62 0.06
N ASP C 599 -7.29 -7.19 0.46
CA ASP C 599 -6.48 -6.63 1.54
C ASP C 599 -6.17 -5.17 1.25
N THR C 600 -5.96 -4.87 -0.02
CA THR C 600 -5.74 -3.50 -0.50
C THR C 600 -6.77 -2.58 0.12
N LEU C 601 -8.00 -3.11 0.17
CA LEU C 601 -9.12 -2.39 0.73
C LEU C 601 -8.69 -1.75 2.03
N LEU C 602 -8.06 -2.55 2.89
CA LEU C 602 -7.71 -2.05 4.21
C LEU C 602 -6.76 -0.87 4.12
N TYR C 603 -5.64 -1.04 3.41
CA TYR C 603 -4.68 0.05 3.25
C TYR C 603 -5.39 1.31 2.79
N GLN C 604 -6.16 1.16 1.71
CA GLN C 604 -6.82 2.31 1.11
C GLN C 604 -7.84 2.93 2.06
N SER C 605 -8.43 2.10 2.91
CA SER C 605 -9.43 2.60 3.86
C SER C 605 -8.94 3.82 4.63
N PHE C 606 -7.64 3.88 4.92
CA PHE C 606 -7.11 4.97 5.74
C PHE C 606 -7.50 6.33 5.17
N VAL C 607 -7.57 6.44 3.85
CA VAL C 607 -8.00 7.69 3.23
C VAL C 607 -9.51 7.74 2.97
N LYS C 608 -10.19 6.60 3.03
CA LYS C 608 -11.64 6.59 2.79
C LYS C 608 -12.39 5.69 3.76
N ASP C 609 -13.32 6.31 4.50
CA ASP C 609 -14.02 5.64 5.59
C ASP C 609 -15.26 4.92 5.11
N TYR C 610 -15.65 5.21 3.88
CA TYR C 610 -16.86 4.63 3.31
C TYR C 610 -16.50 3.44 2.46
N MET C 611 -15.22 3.09 2.46
CA MET C 611 -14.73 2.08 1.53
C MET C 611 -15.09 0.66 1.98
N ILE C 612 -15.00 0.38 3.27
CA ILE C 612 -15.26 -0.97 3.74
C ILE C 612 -16.77 -1.22 3.79
N THR C 613 -17.49 -0.42 4.58
CA THR C 613 -18.92 -0.64 4.82
C THR C 613 -19.69 -0.82 3.51
N ILE C 614 -19.35 -0.01 2.52
CA ILE C 614 -20.03 -0.05 1.22
C ILE C 614 -20.02 -1.50 0.74
N THR C 615 -18.88 -2.15 0.92
CA THR C 615 -18.64 -3.45 0.31
C THR C 615 -19.65 -4.49 0.77
N ARG C 616 -19.71 -4.70 2.09
CA ARG C 616 -20.56 -5.74 2.62
C ARG C 616 -21.97 -5.62 2.08
N LEU C 617 -22.53 -4.43 2.16
CA LEU C 617 -23.91 -4.18 1.71
C LEU C 617 -24.11 -4.65 0.28
N LEU C 618 -23.05 -4.58 -0.53
CA LEU C 618 -23.11 -5.03 -1.92
C LEU C 618 -23.38 -6.52 -1.97
N LEU C 619 -22.63 -7.25 -1.15
CA LEU C 619 -22.64 -8.71 -1.17
C LEU C 619 -23.94 -9.33 -0.69
N GLY C 620 -24.32 -8.94 0.51
CA GLY C 620 -25.07 -9.80 1.39
C GLY C 620 -24.60 -9.28 2.71
N LEU C 621 -24.51 -10.12 3.73
CA LEU C 621 -23.87 -9.71 4.97
C LEU C 621 -24.72 -8.60 5.66
N ASP C 622 -24.15 -7.41 5.87
CA ASP C 622 -24.86 -6.33 6.60
C ASP C 622 -26.08 -5.70 5.88
N THR C 623 -27.24 -5.77 6.53
CA THR C 623 -28.42 -5.07 6.04
C THR C 623 -29.00 -4.22 7.17
N THR C 624 -28.88 -2.90 7.03
CA THR C 624 -29.71 -2.00 7.82
C THR C 624 -30.94 -1.78 6.93
N PRO C 625 -32.12 -1.56 7.53
CA PRO C 625 -33.38 -1.87 6.82
C PRO C 625 -33.50 -1.29 5.40
N GLY C 626 -33.25 0.00 5.21
CA GLY C 626 -33.16 0.55 3.87
C GLY C 626 -31.89 0.09 3.19
N SER C 627 -32.05 -0.63 2.10
CA SER C 627 -30.88 -1.19 1.42
C SER C 627 -31.33 -1.84 0.14
N GLY C 628 -30.38 -2.44 -0.58
CA GLY C 628 -30.68 -3.11 -1.82
C GLY C 628 -29.78 -4.30 -2.17
N TYR C 629 -30.27 -5.17 -3.05
CA TYR C 629 -29.56 -6.39 -3.42
C TYR C 629 -28.87 -6.22 -4.78
N LEU C 630 -27.68 -6.78 -4.94
CA LEU C 630 -27.00 -6.79 -6.24
C LEU C 630 -27.47 -7.96 -7.09
N CYS C 631 -28.08 -7.64 -8.22
CA CYS C 631 -28.63 -8.65 -9.12
C CYS C 631 -28.11 -8.40 -10.51
N ALA C 632 -28.26 -9.40 -11.36
CA ALA C 632 -27.85 -9.27 -12.75
C ALA C 632 -28.97 -9.69 -13.69
N MET C 633 -28.90 -9.21 -14.91
CA MET C 633 -29.86 -9.54 -15.93
C MET C 633 -29.18 -9.81 -17.26
N LYS C 634 -29.42 -11.00 -17.82
CA LYS C 634 -28.87 -11.34 -19.12
C LYS C 634 -29.44 -10.44 -20.18
N ILE C 635 -28.70 -10.29 -21.27
CA ILE C 635 -29.21 -9.57 -22.42
C ILE C 635 -29.53 -10.61 -23.47
N THR C 636 -30.59 -10.33 -24.22
CA THR C 636 -31.13 -11.27 -25.18
C THR C 636 -31.71 -10.44 -26.36
N GLU C 637 -32.55 -11.04 -27.22
CA GLU C 637 -33.01 -10.41 -28.47
C GLU C 637 -34.09 -9.28 -28.38
N ASP C 638 -34.95 -9.28 -27.35
CA ASP C 638 -35.95 -8.20 -27.17
C ASP C 638 -35.35 -6.92 -26.50
N ASP C 639 -34.26 -7.11 -25.75
CA ASP C 639 -33.45 -6.01 -25.15
C ASP C 639 -32.72 -5.24 -26.26
N LEU C 640 -32.43 -5.94 -27.36
CA LEU C 640 -31.81 -5.35 -28.53
C LEU C 640 -32.78 -4.31 -29.18
N TRP C 641 -34.03 -4.25 -28.69
CA TRP C 641 -34.92 -3.10 -28.91
C TRP C 641 -34.12 -1.85 -28.52
N ILE C 642 -33.17 -2.03 -27.61
CA ILE C 642 -32.20 -0.99 -27.24
C ILE C 642 -30.89 -1.10 -28.04
N ARG C 643 -30.36 0.06 -28.38
CA ARG C 643 -29.25 0.20 -29.28
C ARG C 643 -27.99 -0.07 -28.44
N THR C 644 -27.84 0.74 -27.40
CA THR C 644 -26.61 0.86 -26.62
C THR C 644 -26.86 0.97 -25.09
N TYR C 645 -25.80 1.29 -24.33
CA TYR C 645 -25.79 1.33 -22.84
C TYR C 645 -26.50 2.55 -22.20
N GLY C 646 -26.32 3.72 -22.82
CA GLY C 646 -27.00 4.93 -22.37
C GLY C 646 -28.50 4.90 -22.66
N ARG C 647 -28.88 4.58 -23.90
CA ARG C 647 -30.29 4.39 -24.30
C ARG C 647 -30.99 3.34 -23.44
N LEU C 648 -30.15 2.46 -22.90
CA LEU C 648 -30.58 1.42 -21.98
C LEU C 648 -30.87 2.03 -20.63
N PHE C 649 -29.82 2.62 -20.04
CA PHE C 649 -29.94 3.20 -18.72
C PHE C 649 -31.26 3.97 -18.60
N GLN C 650 -31.62 4.83 -19.55
CA GLN C 650 -32.77 5.71 -19.33
C GLN C 650 -34.13 5.02 -19.51
N LYS C 651 -34.19 3.95 -20.31
CA LYS C 651 -35.41 3.15 -20.42
C LYS C 651 -35.47 2.06 -19.35
N LEU C 652 -34.34 1.80 -18.70
CA LEU C 652 -34.31 0.82 -17.60
C LEU C 652 -34.89 1.33 -16.29
N CYS C 653 -34.46 2.52 -15.84
CA CYS C 653 -34.85 3.00 -14.49
C CYS C 653 -36.13 3.83 -14.53
N SER C 654 -36.78 3.94 -15.69
CA SER C 654 -38.08 4.62 -15.81
C SER C 654 -39.23 3.66 -15.49
N SER C 655 -38.91 2.37 -15.34
CA SER C 655 -39.90 1.34 -14.94
C SER C 655 -39.73 0.90 -13.47
N SER C 656 -38.70 0.11 -13.16
CA SER C 656 -38.37 -0.23 -11.78
C SER C 656 -37.20 0.63 -11.31
N ALA C 657 -36.73 0.42 -10.08
CA ALA C 657 -35.56 1.15 -9.59
C ALA C 657 -34.35 0.23 -9.57
N GLU C 658 -33.46 0.46 -10.53
CA GLU C 658 -32.23 -0.30 -10.66
C GLU C 658 -31.18 0.55 -11.33
N ILE C 659 -29.93 0.42 -10.93
CA ILE C 659 -28.88 1.24 -11.51
C ILE C 659 -27.86 0.27 -12.09
N PRO C 660 -27.36 0.54 -13.31
CA PRO C 660 -26.27 -0.32 -13.75
C PRO C 660 -24.92 0.18 -13.29
N ILE C 661 -23.91 -0.66 -13.47
CA ILE C 661 -22.56 -0.31 -13.13
C ILE C 661 -21.67 -0.70 -14.29
N GLY C 662 -21.46 -2.00 -14.43
CA GLY C 662 -20.64 -2.56 -15.49
C GLY C 662 -21.42 -3.33 -16.53
N ILE C 663 -20.71 -4.21 -17.24
CA ILE C 663 -21.29 -5.05 -18.28
C ILE C 663 -20.42 -6.33 -18.34
N TYR C 664 -20.70 -7.21 -19.30
CA TYR C 664 -19.89 -8.42 -19.48
C TYR C 664 -19.94 -8.81 -20.98
N ARG C 665 -18.84 -9.32 -21.54
CA ARG C 665 -18.77 -9.65 -22.99
C ARG C 665 -18.11 -11.00 -23.29
N THR C 666 -18.39 -11.59 -24.46
CA THR C 666 -17.73 -12.85 -24.87
C THR C 666 -17.48 -12.98 -26.38
N GLU C 667 -16.28 -13.43 -26.76
CA GLU C 667 -15.88 -13.62 -28.16
C GLU C 667 -15.14 -14.98 -28.27
N SER C 668 -14.58 -15.34 -29.43
CA SER C 668 -14.12 -16.73 -29.64
C SER C 668 -12.64 -17.00 -30.01
N HIS C 669 -12.14 -18.17 -29.61
CA HIS C 669 -10.77 -18.58 -29.93
C HIS C 669 -10.65 -20.09 -29.86
N ASN C 670 -14.04 -23.39 -24.45
CA ASN C 670 -15.09 -22.73 -25.20
C ASN C 670 -14.63 -21.35 -25.70
N THR C 671 -14.85 -20.33 -24.86
CA THR C 671 -14.82 -18.92 -25.27
C THR C 671 -14.23 -17.91 -24.22
N LEU C 672 -13.97 -16.65 -24.62
CA LEU C 672 -13.33 -15.58 -23.79
C LEU C 672 -14.33 -14.79 -22.87
N SER C 673 -13.86 -13.72 -22.21
CA SER C 673 -14.70 -12.93 -21.28
C SER C 673 -14.22 -11.48 -21.01
N TYR C 674 -15.09 -10.63 -20.42
CA TYR C 674 -14.75 -9.23 -20.06
C TYR C 674 -15.52 -8.69 -18.86
N VAL C 675 -15.02 -7.60 -18.28
CA VAL C 675 -15.82 -6.75 -17.42
C VAL C 675 -15.44 -5.28 -17.67
N LEU C 676 -16.43 -4.44 -17.95
CA LEU C 676 -16.22 -3.02 -18.15
C LEU C 676 -17.00 -2.22 -17.11
N ILE C 677 -16.30 -1.46 -16.28
CA ILE C 677 -16.93 -0.80 -15.15
C ILE C 677 -17.30 0.66 -15.49
N ASN C 678 -18.61 0.98 -15.45
CA ASN C 678 -19.10 2.34 -15.74
C ASN C 678 -18.62 2.77 -17.11
N PRO C 679 -19.02 2.02 -18.15
CA PRO C 679 -18.49 2.40 -19.46
C PRO C 679 -19.15 3.67 -19.91
N PRO C 680 -18.44 4.48 -20.73
CA PRO C 680 -19.16 5.65 -21.26
C PRO C 680 -20.53 5.22 -21.79
N PRO C 681 -21.61 5.95 -21.50
CA PRO C 681 -22.87 5.35 -21.96
C PRO C 681 -23.16 5.59 -23.45
N ASP C 682 -22.14 5.43 -24.28
CA ASP C 682 -22.25 5.44 -25.74
C ASP C 682 -22.09 4.03 -26.37
N THR C 683 -21.80 3.04 -25.53
CA THR C 683 -21.24 1.76 -26.01
C THR C 683 -22.30 0.70 -26.31
N ARG C 684 -22.04 -0.11 -27.34
CA ARG C 684 -23.03 -1.06 -27.84
C ARG C 684 -23.09 -2.36 -27.09
N LEU C 685 -24.04 -3.19 -27.48
CA LEU C 685 -24.30 -4.42 -26.77
C LEU C 685 -24.66 -5.56 -27.69
N GLU C 686 -24.04 -6.70 -27.43
CA GLU C 686 -24.20 -7.91 -28.22
C GLU C 686 -25.44 -8.68 -27.74
N LEU C 687 -25.58 -9.92 -28.19
CA LEU C 687 -26.65 -10.80 -27.74
C LEU C 687 -26.36 -11.35 -26.34
N ASN C 688 -25.29 -12.12 -26.18
CA ASN C 688 -24.93 -12.69 -24.88
C ASN C 688 -24.00 -11.72 -24.15
N ASP C 689 -24.55 -11.12 -23.10
CA ASP C 689 -23.87 -10.08 -22.30
C ASP C 689 -24.60 -10.04 -20.95
N ILE C 690 -23.98 -9.44 -19.93
CA ILE C 690 -24.59 -9.34 -18.60
C ILE C 690 -24.27 -7.99 -17.94
N VAL C 691 -25.20 -7.46 -17.15
CA VAL C 691 -25.00 -6.17 -16.47
C VAL C 691 -25.32 -6.26 -14.99
N TYR C 692 -24.59 -5.50 -14.18
CA TYR C 692 -24.73 -5.55 -12.72
C TYR C 692 -25.59 -4.41 -12.20
N LEU C 693 -26.77 -4.75 -11.69
CA LEU C 693 -27.70 -3.71 -11.28
C LEU C 693 -28.05 -3.90 -9.80
N ILE C 694 -28.49 -2.83 -9.15
CA ILE C 694 -28.91 -2.90 -7.75
C ILE C 694 -30.43 -2.73 -7.61
N ARG C 695 -31.10 -3.70 -6.97
CA ARG C 695 -32.56 -3.64 -6.78
C ARG C 695 -32.96 -3.67 -5.31
N SER C 696 -33.62 -2.60 -4.86
CA SER C 696 -34.17 -2.55 -3.51
C SER C 696 -35.69 -2.48 -3.46
N ASP C 697 -36.35 -3.60 -3.12
CA ASP C 697 -37.75 -3.56 -2.71
C ASP C 697 -37.99 -4.53 -1.55
N PRO C 698 -37.21 -4.40 -0.46
CA PRO C 698 -37.69 -5.08 0.75
C PRO C 698 -38.80 -4.28 1.50
N LEU C 699 -38.76 -2.94 1.37
CA LEU C 699 -39.52 -2.04 2.27
C LEU C 699 -40.16 -0.84 1.55
N ALA C 700 -41.45 -0.62 1.81
CA ALA C 700 -42.18 0.50 1.24
C ALA C 700 -42.50 1.53 2.30
N UNK D 1 -27.19 -14.03 36.76
CA UNK D 1 -27.90 -14.84 37.73
C UNK D 1 -29.39 -14.79 37.50
N UNK D 2 -29.90 -13.63 37.08
CA UNK D 2 -31.29 -13.50 36.67
C UNK D 2 -31.47 -13.69 35.17
N UNK D 3 -30.82 -12.84 34.37
CA UNK D 3 -30.95 -12.89 32.91
C UNK D 3 -30.63 -14.25 32.31
N UNK D 4 -29.84 -15.03 33.02
CA UNK D 4 -29.52 -16.38 32.60
C UNK D 4 -30.57 -17.47 32.97
N UNK D 5 -31.07 -17.47 34.22
CA UNK D 5 -31.85 -18.61 34.81
C UNK D 5 -33.35 -18.69 34.46
N UNK D 6 -33.97 -17.54 34.25
CA UNK D 6 -35.38 -17.46 33.89
C UNK D 6 -35.64 -17.74 32.39
N UNK D 7 -34.63 -17.52 31.54
CA UNK D 7 -34.76 -17.67 30.06
C UNK D 7 -35.08 -19.12 29.65
N UNK D 8 -34.32 -20.06 30.19
CA UNK D 8 -34.74 -21.46 30.25
C UNK D 8 -33.68 -22.32 30.92
N UNK D 9 -34.13 -23.44 31.48
CA UNK D 9 -33.23 -24.49 31.90
C UNK D 9 -33.71 -25.72 31.17
N UNK D 10 -32.92 -26.18 30.20
CA UNK D 10 -33.42 -27.15 29.25
C UNK D 10 -32.32 -27.80 28.44
N UNK D 11 -32.71 -28.63 27.48
CA UNK D 11 -31.77 -29.25 26.56
C UNK D 11 -30.99 -28.16 25.87
N UNK D 12 -29.74 -28.47 25.53
CA UNK D 12 -28.81 -27.46 25.08
C UNK D 12 -29.40 -26.56 23.99
N UNK D 13 -30.25 -27.11 23.13
CA UNK D 13 -30.85 -26.33 22.06
C UNK D 13 -31.61 -25.11 22.62
N UNK D 14 -32.59 -25.36 23.49
CA UNK D 14 -33.51 -24.34 23.98
C UNK D 14 -32.88 -23.32 24.96
N UNK D 15 -31.86 -23.73 25.71
CA UNK D 15 -31.09 -22.81 26.57
C UNK D 15 -29.99 -22.05 25.80
N UNK D 16 -29.34 -22.72 24.85
CA UNK D 16 -28.30 -22.09 24.03
C UNK D 16 -28.88 -21.03 23.11
N UNK D 17 -30.08 -21.26 22.61
CA UNK D 17 -30.80 -20.17 21.93
C UNK D 17 -30.95 -18.94 22.84
N UNK D 18 -31.44 -19.13 24.06
CA UNK D 18 -31.61 -18.03 25.03
C UNK D 18 -30.28 -17.35 25.32
N UNK D 19 -29.23 -18.15 25.50
CA UNK D 19 -27.89 -17.63 25.76
C UNK D 19 -27.35 -16.81 24.58
N UNK D 20 -27.29 -17.43 23.40
CA UNK D 20 -26.74 -16.75 22.22
C UNK D 20 -27.59 -15.53 21.83
N UNK D 21 -28.88 -15.53 22.16
CA UNK D 21 -29.73 -14.34 22.00
C UNK D 21 -29.37 -13.25 23.01
N UNK D 22 -29.19 -13.64 24.27
CA UNK D 22 -28.69 -12.72 25.29
C UNK D 22 -27.34 -12.07 24.91
N UNK D 23 -26.44 -12.83 24.30
CA UNK D 23 -25.18 -12.26 23.79
C UNK D 23 -25.39 -11.11 22.81
N UNK D 24 -26.27 -11.35 21.83
CA UNK D 24 -26.61 -10.33 20.84
C UNK D 24 -27.39 -9.18 21.47
N UNK D 25 -28.22 -9.48 22.47
CA UNK D 25 -28.99 -8.44 23.15
C UNK D 25 -28.18 -7.51 24.06
N UNK D 26 -26.89 -7.81 24.29
CA UNK D 26 -26.02 -6.92 25.08
C UNK D 26 -25.54 -5.74 24.24
N UNK D 27 -25.17 -6.03 23.01
CA UNK D 27 -24.80 -5.01 22.02
C UNK D 27 -25.89 -4.64 20.97
N UNK D 28 -27.06 -5.30 20.99
CA UNK D 28 -28.05 -5.10 19.91
C UNK D 28 -29.51 -5.18 20.45
N UNK D 29 -30.55 -4.92 19.64
CA UNK D 29 -30.49 -4.61 18.20
C UNK D 29 -31.41 -3.45 17.77
N UNK D 30 -30.85 -2.44 17.12
CA UNK D 30 -31.65 -1.46 16.37
C UNK D 30 -31.97 -1.97 14.96
N UNK D 31 -31.04 -2.74 14.39
CA UNK D 31 -31.20 -3.32 13.05
C UNK D 31 -32.06 -4.60 13.01
N UNK D 32 -31.76 -5.56 13.86
CA UNK D 32 -32.52 -6.81 13.90
C UNK D 32 -33.96 -6.56 14.34
N UNK D 33 -34.14 -5.53 15.18
CA UNK D 33 -35.46 -5.09 15.67
C UNK D 33 -36.36 -4.48 14.56
N UNK D 34 -35.81 -3.57 13.76
CA UNK D 34 -36.51 -3.00 12.61
C UNK D 34 -36.78 -4.04 11.49
N UNK D 35 -35.83 -4.95 11.23
CA UNK D 35 -36.08 -6.11 10.33
C UNK D 35 -37.18 -7.09 10.83
N UNK D 36 -37.18 -7.41 12.13
CA UNK D 36 -38.25 -8.21 12.78
C UNK D 36 -39.64 -7.53 12.93
N UNK D 37 -39.70 -6.20 13.06
CA UNK D 37 -40.96 -5.43 12.98
C UNK D 37 -41.47 -5.20 11.54
N UNK D 38 -40.57 -5.08 10.57
CA UNK D 38 -40.95 -5.13 9.14
C UNK D 38 -41.34 -6.54 8.62
N UNK D 39 -40.76 -7.59 9.18
CA UNK D 39 -41.20 -8.98 8.95
C UNK D 39 -42.59 -9.35 9.52
N UNK D 40 -43.18 -8.46 10.32
CA UNK D 40 -44.57 -8.61 10.80
C UNK D 40 -45.60 -7.91 9.88
N UNK D 41 -45.12 -7.09 8.93
CA UNK D 41 -45.96 -6.43 7.91
C UNK D 41 -46.31 -7.36 6.74
N UNK D 42 -45.31 -8.11 6.28
CA UNK D 42 -45.51 -9.17 5.28
C UNK D 42 -46.47 -10.29 5.73
N UNK D 43 -46.04 -11.09 6.70
CA UNK D 43 -46.81 -12.23 7.19
C UNK D 43 -47.83 -11.86 8.27
#